data_6HTV
#
_entry.id   6HTV
#
_cell.length_a   185.308
_cell.length_b   185.308
_cell.length_c   150.774
_cell.angle_alpha   90.00
_cell.angle_beta   90.00
_cell.angle_gamma   120.00
#
_symmetry.space_group_name_H-M   'P 31 2 1'
#
loop_
_entity.id
_entity.type
_entity.pdbx_description
1 polymer Alternansucrase
2 branched alpha-D-glucopyranose-(1-6)-alpha-D-glucopyranose-(1-6)-alpha-D-glucopyranose-(1-6)-alpha-D-glucopyranose
3 non-polymer 'CALCIUM ION'
#
_entity_poly.entity_id   1
_entity_poly.type   'polypeptide(L)'
_entity_poly.pdbx_seq_one_letter_code
;FEKAPDSVPETITGGRYSLKDGYYVYLDKQGKQVVGPKNIDNHLQYFDETTGKQVKGDFRSVNGKRIYFNANLGYADDYT
TDVAGKLVGYDSNGNQVKAGYVTNSQGKTYYFNNQGEAIIGLKTDNNKTQYFGPDGAQVKGAFQQVNGKNIYFDAQTGYA
RQNVGFLDGTAKGFDEQGNQIKSGIATDLSGNVYYFDASGKMLTGVQNIDGKKYYFDEQGHRRRNYAGVFNNEFIYFGLD
GVGQSAIEYQFEKGLTSQNSVATSHNAAKSYDTKSFTNVDGFLTANSWYRPTDILRNGTKWEPSTETDFRPLLMTWWPDK
EVQANYLNYMSALGLGDQKIYTGASSQLDLNNAALIVQEAIEKKISLEKSTKWLDDSIKSFIKSKRKDIQGNLVDTNPGW
TIDSETGSTNHLQNGAFIFTNSPLVPEANAAEGNRLINRTPSQQTGNHISYASQPYSGDDWGYELLLGNDVDNSNPIVQA
EQLNWIHYLMNFGTITAPQDPDAHLANFDSIRIDAVDNVDADLLQIAGDYFKAAYQVGENDKNANQHIHILQDWSPNDVW
YNQQVNGNSQLTMDATMQNQLLASLTRPITSRDSMKSFTKDALLVHRTADNSYNQAVPNYSFIRAHDSEVQTIIAKIISD
KHPDLYPTVDKALLAKDSALYDEAFTEYNADMQKISSQKQYTHNNMPSAYAILLTNKDTVPRVYYGDLFTDNGEYMANKT
PYYDAITSLLTARTKFVSGGQSLSVDKNDVLTSVRYGKGALSATDNGSSDTRNQGIGVIVSNNPNLDLNNDKVTLSMGIS
HAHQAYRPLLLTNSQGIVAYATDSEVPQNLYKTTNDKGELTFDASEIKGYDTVQTSGYLAVWVPVGASDEQDARTIASTE
KNNGNSVYHSNAALDSQLIYEGFSNFQTVPSKNASADEYANVIIAKHAADFNKWGVTSFQMAPQYRSSTDGSFLDAVDTV
QNGYAFTDRYDLGFNAADGSKNPTKYGTDEDLRNAIKSLHAQKTYDGSSIQVMADFVPDQLYNMPLEQAVSVIRTDKYGV
NSENPDIQNIIYAANIKSSGTDYQSIYGGKYLAELQKNPLFKSLFDRIQISTKKTIDPNTRITQWSAKYFNGSNIQGKGI
NYVLKDWASNKYFNVSSNDDMYSRLPKQLMNQESNTGFIVDDIGVKYYSISGYQAKNTFVEDGNGEWYYFDNDGYMVKST
EESGPLRTVNASSKKYYILPNGVEIRNSFGQDIQGNTYYFDARGEMVTSQYISDDTQNIYYFNNDGTMAKKGGRADPAFL
YKVVHHHHHH
;
_entity_poly.pdbx_strand_id   A
#
loop_
_chem_comp.id
_chem_comp.type
_chem_comp.name
_chem_comp.formula
CA non-polymer 'CALCIUM ION' 'Ca 2'
GLC D-saccharide, alpha linking alpha-D-glucopyranose 'C6 H12 O6'
#
# COMPACT_ATOMS: atom_id res chain seq x y z
N LEU A 203 -7.72 59.94 -0.66
CA LEU A 203 -6.73 60.10 0.45
C LEU A 203 -5.58 59.10 0.22
N THR A 204 -4.34 59.55 0.44
CA THR A 204 -3.13 58.71 0.31
C THR A 204 -2.27 58.91 1.57
N GLY A 205 -1.29 58.03 1.77
CA GLY A 205 -0.41 58.11 2.93
C GLY A 205 -1.09 57.76 4.25
N VAL A 206 -0.51 58.29 5.32
CA VAL A 206 -1.02 58.08 6.67
C VAL A 206 -2.20 59.00 6.97
N GLN A 207 -3.24 58.43 7.58
CA GLN A 207 -4.46 59.16 7.93
C GLN A 207 -4.92 58.76 9.35
N ASN A 208 -5.35 59.74 10.17
CA ASN A 208 -6.12 59.43 11.40
C ASN A 208 -7.62 59.44 11.14
N ILE A 209 -8.24 58.26 11.08
CA ILE A 209 -9.71 58.16 11.01
C ILE A 209 -10.18 57.70 12.42
N ASP A 210 -10.90 58.60 13.11
CA ASP A 210 -11.42 58.37 14.47
C ASP A 210 -10.29 57.95 15.46
N GLY A 211 -9.29 58.81 15.66
CA GLY A 211 -8.16 58.58 16.60
C GLY A 211 -7.40 57.26 16.42
N LYS A 212 -7.36 56.78 15.17
CA LYS A 212 -6.68 55.51 14.78
C LYS A 212 -5.92 55.77 13.50
N LYS A 213 -4.63 55.41 13.50
CA LYS A 213 -3.81 55.56 12.33
C LYS A 213 -4.15 54.43 11.31
N TYR A 214 -4.24 54.83 10.03
CA TYR A 214 -4.43 53.95 8.86
C TYR A 214 -3.43 54.32 7.78
N TYR A 215 -2.97 53.32 7.02
CA TYR A 215 -2.15 53.59 5.84
C TYR A 215 -2.93 53.33 4.56
N PHE A 216 -2.93 54.35 3.68
CA PHE A 216 -3.41 54.26 2.30
C PHE A 216 -2.19 54.35 1.38
N ASP A 217 -2.02 53.34 0.53
CA ASP A 217 -0.91 53.35 -0.43
C ASP A 217 -1.09 54.45 -1.51
N GLU A 218 -0.10 54.55 -2.41
CA GLU A 218 -0.12 55.51 -3.51
C GLU A 218 -1.21 55.21 -4.57
N GLN A 219 -1.83 54.03 -4.47
CA GLN A 219 -3.02 53.64 -5.24
C GLN A 219 -4.36 54.07 -4.57
N GLY A 220 -4.27 54.63 -3.36
CA GLY A 220 -5.42 55.02 -2.54
C GLY A 220 -6.07 53.91 -1.71
N HIS A 221 -5.47 52.72 -1.69
CA HIS A 221 -6.06 51.53 -1.07
C HIS A 221 -5.64 51.42 0.41
N ARG A 222 -6.60 51.23 1.33
CA ARG A 222 -6.26 51.00 2.75
C ARG A 222 -5.58 49.63 2.91
N ARG A 223 -4.46 49.60 3.62
CA ARG A 223 -3.66 48.38 3.80
C ARG A 223 -3.63 47.79 5.24
N ARG A 224 -3.42 46.47 5.24
CA ARG A 224 -3.31 45.61 6.42
C ARG A 224 -1.94 44.89 6.34
N ASN A 225 -1.34 44.56 7.49
CA ASN A 225 -0.03 43.88 7.55
C ASN A 225 1.06 44.66 6.76
N TYR A 226 1.19 45.93 7.08
CA TYR A 226 2.16 46.82 6.43
C TYR A 226 3.00 47.53 7.49
N ALA A 227 4.33 47.40 7.39
CA ALA A 227 5.26 48.07 8.30
C ALA A 227 6.02 49.20 7.60
N GLY A 228 6.39 50.24 8.35
CA GLY A 228 7.25 51.30 7.78
C GLY A 228 7.48 52.50 8.68
N VAL A 229 8.54 53.26 8.35
CA VAL A 229 8.80 54.57 8.95
C VAL A 229 8.01 55.62 8.16
N PHE A 230 6.99 56.21 8.79
CA PHE A 230 6.14 57.24 8.17
C PHE A 230 6.14 58.52 8.99
N ASN A 231 6.45 59.65 8.36
CA ASN A 231 6.65 60.92 9.07
C ASN A 231 7.56 60.74 10.30
N ASN A 232 8.67 60.04 10.06
CA ASN A 232 9.66 59.73 11.09
C ASN A 232 9.10 58.95 12.34
N GLU A 233 8.16 58.02 12.10
CA GLU A 233 7.57 57.13 13.11
C GLU A 233 7.39 55.70 12.57
N PHE A 234 7.94 54.72 13.30
CA PHE A 234 7.89 53.32 12.86
C PHE A 234 6.57 52.68 13.30
N ILE A 235 5.69 52.41 12.33
CA ILE A 235 4.37 51.85 12.60
C ILE A 235 4.19 50.53 11.86
N TYR A 236 3.50 49.60 12.52
CA TYR A 236 3.07 48.34 11.95
C TYR A 236 1.53 48.33 11.92
N PHE A 237 0.97 48.41 10.72
CA PHE A 237 -0.46 48.23 10.52
C PHE A 237 -0.74 46.76 10.54
N GLY A 238 -1.34 46.28 11.62
CA GLY A 238 -1.64 44.88 11.78
C GLY A 238 -2.81 44.44 10.93
N LEU A 239 -3.28 43.23 11.16
CA LEU A 239 -4.41 42.68 10.39
C LEU A 239 -5.61 43.64 10.44
N ASP A 240 -5.85 44.21 11.60
CA ASP A 240 -6.89 45.23 11.74
C ASP A 240 -6.87 46.33 10.63
N GLY A 241 -5.70 46.58 10.03
CA GLY A 241 -5.42 47.79 9.26
C GLY A 241 -5.02 48.99 10.14
N VAL A 242 -4.94 48.76 11.47
CA VAL A 242 -4.70 49.79 12.50
C VAL A 242 -3.22 49.78 12.88
N GLY A 243 -2.65 50.98 12.97
CA GLY A 243 -1.24 51.16 13.33
C GLY A 243 -0.94 50.89 14.80
N GLN A 244 0.08 50.06 15.03
CA GLN A 244 0.70 49.84 16.34
C GLN A 244 2.11 50.45 16.34
N SER A 245 2.58 50.89 17.52
CA SER A 245 3.93 51.46 17.62
C SER A 245 4.99 50.37 17.61
N ALA A 246 5.85 50.36 16.57
CA ALA A 246 6.94 49.40 16.46
C ALA A 246 8.14 49.68 17.41
N ILE A 247 7.99 50.67 18.31
CA ILE A 247 8.93 50.92 19.41
C ILE A 247 8.53 50.17 20.69
N GLU A 248 7.23 50.21 21.04
CA GLU A 248 6.72 49.67 22.32
C GLU A 248 6.78 48.11 22.34
N TYR A 249 7.47 47.52 23.31
CA TYR A 249 7.47 46.06 23.45
C TYR A 249 6.05 45.48 23.59
N GLN A 250 5.78 44.37 22.89
CA GLN A 250 4.45 43.75 22.92
C GLN A 250 4.32 42.56 23.88
N PHE A 251 5.44 42.10 24.43
CA PHE A 251 5.47 40.96 25.34
C PHE A 251 5.47 41.43 26.79
N GLU A 252 4.76 40.72 27.68
CA GLU A 252 4.86 40.99 29.11
C GLU A 252 6.30 40.79 29.59
N LYS A 253 6.89 41.89 30.09
CA LYS A 253 8.22 41.87 30.67
C LYS A 253 8.21 41.19 32.04
N GLY A 254 9.23 40.38 32.32
CA GLY A 254 9.33 39.68 33.60
C GLY A 254 9.41 38.17 33.44
N LEU A 255 9.81 37.52 34.52
CA LEU A 255 9.89 36.07 34.60
C LEU A 255 8.99 35.58 35.72
N THR A 256 8.50 34.35 35.61
CA THR A 256 7.95 33.67 36.78
C THR A 256 8.73 32.38 37.02
N SER A 257 9.02 32.08 38.28
CA SER A 257 9.69 30.84 38.64
C SER A 257 8.74 29.67 38.51
N GLN A 258 9.23 28.60 37.89
CA GLN A 258 8.51 27.36 37.80
C GLN A 258 8.73 26.48 39.03
N ASN A 259 9.49 26.97 40.02
CA ASN A 259 9.63 26.32 41.32
C ASN A 259 8.41 26.58 42.22
N SER A 260 7.77 25.49 42.67
CA SER A 260 6.58 25.51 43.54
C SER A 260 6.91 24.73 44.80
N VAL A 261 6.01 24.72 45.79
CA VAL A 261 6.13 23.80 46.93
C VAL A 261 6.14 22.35 46.43
N ALA A 262 5.36 22.07 45.39
CA ALA A 262 5.21 20.73 44.82
C ALA A 262 6.28 20.29 43.81
N THR A 263 7.12 21.19 43.31
CA THR A 263 8.12 20.77 42.31
C THR A 263 9.24 19.92 42.90
N SER A 264 9.50 20.03 44.20
CA SER A 264 10.38 19.12 44.89
C SER A 264 9.82 17.67 44.91
N HIS A 265 8.49 17.53 45.03
CA HIS A 265 7.78 16.24 45.04
C HIS A 265 7.55 15.63 43.65
N ASN A 266 7.18 16.48 42.69
CA ASN A 266 6.89 16.04 41.33
C ASN A 266 8.15 15.92 40.45
N ALA A 267 9.32 16.35 40.95
CA ALA A 267 10.57 16.04 40.27
C ALA A 267 10.76 14.53 40.15
N ALA A 268 11.32 14.07 39.04
CA ALA A 268 11.53 12.65 38.80
C ALA A 268 12.51 12.05 39.81
N LYS A 269 12.16 10.90 40.38
CA LYS A 269 13.01 10.18 41.33
C LYS A 269 14.36 9.80 40.75
N SER A 270 14.34 9.32 39.50
CA SER A 270 15.53 8.87 38.78
C SER A 270 15.44 9.50 37.41
N TYR A 271 16.56 10.02 36.96
CA TYR A 271 16.65 10.76 35.70
C TYR A 271 16.88 9.74 34.58
N ASP A 272 17.51 8.63 34.93
CA ASP A 272 17.72 7.50 34.06
C ASP A 272 16.44 6.85 33.58
N THR A 273 16.53 6.23 32.42
CA THR A 273 15.47 5.48 31.76
C THR A 273 14.54 4.70 32.66
N LYS A 274 15.05 4.16 33.77
CA LYS A 274 14.17 3.39 34.67
C LYS A 274 12.91 4.13 35.04
N SER A 275 13.03 5.43 35.28
CA SER A 275 11.89 6.22 35.69
C SER A 275 11.13 6.93 34.57
N PHE A 276 11.38 6.61 33.30
CA PHE A 276 10.70 7.23 32.16
C PHE A 276 10.37 6.22 31.05
N THR A 277 9.12 6.20 30.62
CA THR A 277 8.80 5.50 29.38
C THR A 277 9.37 6.34 28.25
N ASN A 278 9.99 5.68 27.27
CA ASN A 278 10.82 6.35 26.26
C ASN A 278 10.94 5.53 24.98
N VAL A 279 11.26 6.20 23.88
CA VAL A 279 11.56 5.57 22.61
C VAL A 279 13.03 5.82 22.31
N ASP A 280 13.87 4.78 22.42
CA ASP A 280 15.33 4.88 22.24
C ASP A 280 15.95 6.05 23.04
N GLY A 281 15.45 6.28 24.25
CA GLY A 281 15.91 7.41 25.08
C GLY A 281 15.08 8.69 24.93
N PHE A 282 14.39 8.89 23.81
CA PHE A 282 13.55 10.08 23.59
C PHE A 282 12.21 9.98 24.34
N LEU A 283 11.56 11.12 24.57
CA LEU A 283 10.22 11.14 25.17
C LEU A 283 9.16 11.54 24.14
N THR A 284 7.92 11.03 24.32
CA THR A 284 6.75 11.47 23.52
C THR A 284 5.67 12.09 24.41
N ALA A 285 4.63 12.64 23.82
CA ALA A 285 3.50 13.17 24.59
C ALA A 285 2.81 12.13 25.49
N ASN A 286 2.93 10.85 25.15
CA ASN A 286 2.43 9.76 25.98
C ASN A 286 3.50 9.16 26.92
N SER A 287 4.59 9.89 27.17
CA SER A 287 5.54 9.48 28.20
C SER A 287 4.92 9.54 29.58
N TRP A 288 5.19 8.48 30.34
CA TRP A 288 4.89 8.42 31.76
C TRP A 288 6.23 8.34 32.50
N TYR A 289 6.26 8.86 33.71
CA TYR A 289 7.48 8.92 34.50
C TYR A 289 7.19 8.65 35.99
N ARG A 290 8.22 8.35 36.75
CA ARG A 290 8.11 8.12 38.19
C ARG A 290 8.61 9.37 38.92
N PRO A 291 7.71 10.09 39.63
CA PRO A 291 8.16 11.23 40.47
C PRO A 291 8.79 10.73 41.77
N THR A 292 9.44 11.62 42.52
CA THR A 292 9.95 11.27 43.87
C THR A 292 8.79 10.92 44.81
N ASP A 293 7.73 11.74 44.79
CA ASP A 293 6.59 11.56 45.68
C ASP A 293 5.24 11.59 44.93
N ILE A 294 4.29 10.87 45.52
CA ILE A 294 2.92 10.80 45.02
C ILE A 294 2.04 11.51 46.04
N LEU A 295 1.18 12.40 45.54
CA LEU A 295 0.18 13.06 46.38
C LEU A 295 -1.01 12.10 46.63
N ARG A 296 -0.81 11.11 47.52
CA ARG A 296 -1.74 9.98 47.59
C ARG A 296 -3.13 10.39 48.09
N ASN A 297 -4.15 10.05 47.32
CA ASN A 297 -5.53 10.47 47.58
C ASN A 297 -5.71 12.00 47.73
N GLY A 298 -4.79 12.76 47.16
CA GLY A 298 -4.81 14.22 47.25
C GLY A 298 -4.56 14.84 48.61
N THR A 299 -4.07 14.06 49.59
CA THR A 299 -3.97 14.53 50.98
C THR A 299 -2.66 14.23 51.73
N LYS A 300 -1.68 13.59 51.10
CA LYS A 300 -0.39 13.28 51.74
C LYS A 300 0.70 13.03 50.69
N TRP A 301 1.93 13.44 50.98
CA TRP A 301 3.06 13.08 50.12
C TRP A 301 3.74 11.80 50.62
N GLU A 302 3.71 10.76 49.79
CA GLU A 302 4.37 9.48 50.11
C GLU A 302 5.40 9.15 49.02
N PRO A 303 6.54 8.55 49.41
CA PRO A 303 7.51 8.04 48.44
C PRO A 303 6.86 7.16 47.36
N SER A 304 7.28 7.38 46.12
CA SER A 304 6.80 6.56 45.02
C SER A 304 7.40 5.15 45.08
N THR A 305 6.59 4.13 44.82
CA THR A 305 7.09 2.77 44.61
C THR A 305 7.68 2.60 43.19
N GLU A 306 8.13 1.38 42.87
CA GLU A 306 8.62 1.09 41.52
C GLU A 306 7.51 1.14 40.43
N THR A 307 6.24 0.93 40.79
CA THR A 307 5.13 1.00 39.83
C THR A 307 4.35 2.32 39.84
N ASP A 308 4.72 3.28 40.69
CA ASP A 308 4.01 4.58 40.78
C ASP A 308 4.41 5.56 39.67
N PHE A 309 4.11 5.18 38.45
CA PHE A 309 4.30 6.04 37.30
C PHE A 309 3.06 6.94 37.08
N ARG A 310 3.31 8.11 36.51
CA ARG A 310 2.28 9.09 36.16
C ARG A 310 2.60 9.69 34.79
N PRO A 311 1.58 10.19 34.10
CA PRO A 311 1.81 10.78 32.79
C PRO A 311 2.59 12.08 32.90
N LEU A 312 3.61 12.26 32.05
CA LEU A 312 4.43 13.47 32.01
C LEU A 312 3.58 14.72 31.90
N LEU A 313 2.57 14.63 31.05
CA LEU A 313 1.58 15.69 30.84
C LEU A 313 0.75 16.12 32.08
N MET A 314 0.87 15.40 33.21
CA MET A 314 0.24 15.84 34.46
C MET A 314 1.01 16.99 35.10
N THR A 315 2.33 17.04 34.89
CA THR A 315 3.18 17.99 35.60
C THR A 315 4.08 18.83 34.68
N TRP A 316 4.12 18.54 33.38
CA TRP A 316 4.90 19.31 32.40
C TRP A 316 4.22 19.37 31.03
N TRP A 317 4.35 20.53 30.38
CA TRP A 317 3.80 20.80 29.05
C TRP A 317 4.86 21.57 28.26
N PRO A 318 4.88 21.46 26.92
CA PRO A 318 5.96 22.03 26.10
C PRO A 318 5.88 23.55 25.88
N ASP A 319 4.71 24.13 26.15
CA ASP A 319 4.51 25.59 26.15
C ASP A 319 3.21 25.90 26.90
N LYS A 320 2.89 27.19 27.03
CA LYS A 320 1.69 27.60 27.77
C LYS A 320 0.35 27.26 27.10
N GLU A 321 0.29 27.25 25.76
CA GLU A 321 -0.99 27.02 25.10
C GLU A 321 -1.45 25.57 25.33
N VAL A 322 -0.52 24.62 25.22
CA VAL A 322 -0.85 23.22 25.52
C VAL A 322 -1.25 23.04 26.99
N GLN A 323 -0.53 23.71 27.89
CA GLN A 323 -0.89 23.71 29.32
C GLN A 323 -2.33 24.21 29.54
N ALA A 324 -2.66 25.33 28.93
CA ALA A 324 -4.01 25.90 28.97
C ALA A 324 -5.09 24.93 28.44
N ASN A 325 -4.83 24.32 27.28
CA ASN A 325 -5.79 23.40 26.68
C ASN A 325 -5.97 22.11 27.52
N TYR A 326 -4.88 21.56 28.05
CA TYR A 326 -4.93 20.46 29.02
C TYR A 326 -5.83 20.78 30.21
N LEU A 327 -5.67 21.97 30.80
CA LEU A 327 -6.45 22.37 31.97
C LEU A 327 -7.97 22.42 31.70
N ASN A 328 -8.34 23.01 30.56
CA ASN A 328 -9.74 23.06 30.15
C ASN A 328 -10.32 21.68 29.81
N TYR A 329 -9.48 20.80 29.25
CA TYR A 329 -9.90 19.45 28.92
C TYR A 329 -10.13 18.60 30.17
N MET A 330 -9.18 18.61 31.12
CA MET A 330 -9.37 17.89 32.39
C MET A 330 -10.55 18.47 33.20
N SER A 331 -10.79 19.78 33.06
CA SER A 331 -11.98 20.46 33.57
C SER A 331 -13.28 19.91 32.96
N ALA A 332 -13.28 19.59 31.66
CA ALA A 332 -14.42 18.95 30.97
C ALA A 332 -14.80 17.58 31.56
N LEU A 333 -13.82 16.87 32.10
CA LEU A 333 -14.04 15.59 32.79
C LEU A 333 -14.38 15.75 34.28
N GLY A 334 -14.47 17.01 34.75
CA GLY A 334 -14.90 17.35 36.10
C GLY A 334 -13.78 17.51 37.11
N LEU A 335 -12.57 17.12 36.72
CA LEU A 335 -11.40 17.14 37.58
C LEU A 335 -10.84 18.56 37.72
N GLY A 336 -10.85 19.31 36.63
CA GLY A 336 -10.35 20.67 36.61
C GLY A 336 -11.37 21.76 36.92
N ASP A 337 -10.83 22.95 37.18
CA ASP A 337 -11.60 24.15 37.50
C ASP A 337 -12.39 24.74 36.34
N GLN A 338 -13.51 25.36 36.72
CA GLN A 338 -14.43 26.00 35.81
C GLN A 338 -13.82 27.17 34.98
N LYS A 339 -12.62 27.62 35.35
CA LYS A 339 -12.10 28.92 34.94
C LYS A 339 -11.81 29.17 33.43
N ILE A 340 -11.73 28.10 32.63
CA ILE A 340 -11.44 28.20 31.17
C ILE A 340 -10.14 28.99 30.77
N TYR A 341 -9.02 28.62 31.39
CA TYR A 341 -7.71 29.24 31.10
C TYR A 341 -7.32 29.11 29.61
N THR A 342 -6.71 30.15 29.05
CA THR A 342 -6.18 30.11 27.68
C THR A 342 -4.68 30.41 27.67
N GLY A 343 -4.02 30.25 26.51
CA GLY A 343 -2.61 30.61 26.33
C GLY A 343 -2.30 32.07 26.68
N ALA A 344 -3.30 32.91 26.52
CA ALA A 344 -3.26 34.32 26.96
C ALA A 344 -3.18 34.52 28.49
N SER A 345 -3.83 33.65 29.26
CA SER A 345 -3.80 33.70 30.74
C SER A 345 -2.40 33.41 31.30
N SER A 346 -2.18 33.81 32.55
CA SER A 346 -0.83 33.92 33.11
C SER A 346 -0.22 32.57 33.48
N GLN A 347 1.11 32.48 33.42
CA GLN A 347 1.84 31.24 33.75
C GLN A 347 1.53 30.75 35.16
N LEU A 348 1.47 31.70 36.09
CA LEU A 348 1.27 31.39 37.48
C LEU A 348 -0.13 30.77 37.78
N ASP A 349 -1.15 31.29 37.11
CA ASP A 349 -2.52 30.76 37.20
C ASP A 349 -2.63 29.32 36.64
N LEU A 350 -1.98 29.08 35.50
CA LEU A 350 -1.96 27.75 34.86
C LEU A 350 -1.31 26.69 35.76
N ASN A 351 -0.19 27.05 36.39
CA ASN A 351 0.51 26.17 37.33
C ASN A 351 -0.35 25.79 38.54
N ASN A 352 -1.01 26.79 39.13
CA ASN A 352 -1.86 26.56 40.30
C ASN A 352 -3.09 25.71 39.95
N ALA A 353 -3.65 25.92 38.76
CA ALA A 353 -4.75 25.12 38.28
C ALA A 353 -4.38 23.65 38.05
N ALA A 354 -3.16 23.41 37.56
CA ALA A 354 -2.64 22.05 37.44
C ALA A 354 -2.55 21.32 38.79
N LEU A 355 -2.27 22.05 39.87
CA LEU A 355 -2.34 21.46 41.22
C LEU A 355 -3.76 21.05 41.63
N ILE A 356 -4.76 21.85 41.26
CA ILE A 356 -6.16 21.53 41.55
C ILE A 356 -6.58 20.31 40.72
N VAL A 357 -6.18 20.28 39.46
CA VAL A 357 -6.33 19.08 38.62
C VAL A 357 -5.64 17.86 39.27
N GLN A 358 -4.38 18.01 39.72
CA GLN A 358 -3.60 16.91 40.32
C GLN A 358 -4.35 16.30 41.53
N GLU A 359 -4.88 17.13 42.41
CA GLU A 359 -5.70 16.69 43.54
C GLU A 359 -6.87 15.79 43.10
N ALA A 360 -7.58 16.23 42.08
CA ALA A 360 -8.69 15.50 41.50
C ALA A 360 -8.24 14.15 40.86
N ILE A 361 -7.13 14.15 40.11
CA ILE A 361 -6.57 12.94 39.49
C ILE A 361 -6.28 11.90 40.57
N GLU A 362 -5.54 12.32 41.61
CA GLU A 362 -5.09 11.42 42.66
C GLU A 362 -6.24 10.78 43.45
N LYS A 363 -7.32 11.54 43.69
CA LYS A 363 -8.54 11.00 44.30
C LYS A 363 -9.22 9.93 43.43
N LYS A 364 -9.32 10.20 42.13
CA LYS A 364 -9.84 9.23 41.17
C LYS A 364 -8.97 7.96 41.14
N ILE A 365 -7.64 8.10 41.11
CA ILE A 365 -6.72 6.96 41.13
C ILE A 365 -6.87 6.11 42.42
N SER A 366 -6.97 6.77 43.59
CA SER A 366 -7.22 6.06 44.86
C SER A 366 -8.55 5.32 44.89
N LEU A 367 -9.57 5.90 44.26
CA LEU A 367 -10.88 5.26 44.13
C LEU A 367 -10.84 4.01 43.22
N GLU A 368 -10.28 4.12 42.02
CA GLU A 368 -10.24 2.98 41.08
C GLU A 368 -9.28 1.87 41.52
N LYS A 369 -8.28 2.24 42.31
CA LYS A 369 -7.03 1.48 42.47
C LYS A 369 -6.40 1.13 41.09
N SER A 370 -6.53 2.06 40.15
CA SER A 370 -6.00 1.89 38.82
C SER A 370 -5.78 3.24 38.14
N THR A 371 -4.80 3.26 37.24
CA THR A 371 -4.51 4.44 36.42
C THR A 371 -4.85 4.21 34.95
N LYS A 372 -5.48 3.09 34.60
CA LYS A 372 -5.76 2.76 33.21
C LYS A 372 -6.66 3.80 32.55
N TRP A 373 -7.71 4.20 33.28
CA TRP A 373 -8.62 5.27 32.86
C TRP A 373 -7.93 6.61 32.49
N LEU A 374 -6.76 6.85 33.08
CA LEU A 374 -5.97 8.05 32.84
C LEU A 374 -5.11 7.97 31.57
N ASP A 375 -4.55 6.80 31.26
CA ASP A 375 -3.92 6.54 29.95
C ASP A 375 -4.99 6.75 28.85
N ASP A 376 -6.17 6.16 29.05
CA ASP A 376 -7.32 6.33 28.13
C ASP A 376 -7.65 7.82 27.91
N SER A 377 -7.85 8.56 29.00
CA SER A 377 -8.26 9.97 28.91
C SER A 377 -7.18 10.93 28.38
N ILE A 378 -5.91 10.66 28.68
CA ILE A 378 -4.81 11.47 28.14
C ILE A 378 -4.56 11.19 26.66
N LYS A 379 -4.62 9.92 26.26
CA LYS A 379 -4.51 9.61 24.84
C LYS A 379 -5.63 10.28 24.04
N SER A 380 -6.86 10.23 24.56
CA SER A 380 -8.01 10.93 23.94
C SER A 380 -7.86 12.46 23.94
N PHE A 381 -7.26 13.03 24.98
CA PHE A 381 -6.90 14.46 25.01
C PHE A 381 -5.93 14.85 23.87
N ILE A 382 -4.87 14.06 23.69
CA ILE A 382 -3.83 14.32 22.70
C ILE A 382 -4.40 14.41 21.27
N LYS A 383 -5.37 13.54 20.96
CA LYS A 383 -6.08 13.54 19.68
C LYS A 383 -7.37 14.35 19.71
N SER A 384 -7.63 15.13 20.77
CA SER A 384 -8.91 15.81 20.93
C SER A 384 -9.11 16.87 19.87
N LYS A 385 -10.39 17.05 19.51
CA LYS A 385 -10.84 18.13 18.66
C LYS A 385 -11.60 19.14 19.50
N ARG A 386 -11.72 20.36 18.98
CA ARG A 386 -12.47 21.43 19.64
C ARG A 386 -13.10 22.39 18.62
N LYS A 387 -14.12 23.12 19.06
CA LYS A 387 -14.71 24.21 18.28
C LYS A 387 -13.76 25.43 18.29
N ASP A 388 -13.86 26.27 17.26
CA ASP A 388 -13.02 27.46 17.10
C ASP A 388 -13.88 28.72 16.79
N ILE A 389 -13.21 29.86 16.56
CA ILE A 389 -13.88 31.13 16.15
C ILE A 389 -14.61 31.02 14.80
N GLN A 390 -14.04 30.30 13.85
CA GLN A 390 -14.68 30.03 12.56
C GLN A 390 -16.00 29.21 12.71
N GLY A 391 -16.09 28.39 13.75
CA GLY A 391 -17.23 27.49 13.99
C GLY A 391 -16.99 26.06 13.51
N ASN A 392 -15.81 25.77 12.95
CA ASN A 392 -15.47 24.42 12.46
C ASN A 392 -14.69 23.65 13.53
N LEU A 393 -14.92 22.34 13.64
CA LEU A 393 -14.04 21.51 14.46
C LEU A 393 -12.61 21.48 13.91
N VAL A 394 -11.65 21.66 14.83
CA VAL A 394 -10.20 21.64 14.56
C VAL A 394 -9.53 20.71 15.58
N ASP A 395 -8.35 20.21 15.25
CA ASP A 395 -7.54 19.48 16.22
C ASP A 395 -7.03 20.46 17.31
N THR A 396 -7.16 20.07 18.59
CA THR A 396 -6.68 20.89 19.70
C THR A 396 -5.15 20.92 19.70
N ASN A 397 -4.51 19.79 19.37
CA ASN A 397 -3.07 19.61 19.47
C ASN A 397 -2.49 19.13 18.10
N PRO A 398 -2.41 20.03 17.10
CA PRO A 398 -2.09 19.67 15.70
C PRO A 398 -0.76 18.94 15.55
N GLY A 399 0.24 19.36 16.33
CA GLY A 399 1.56 18.75 16.30
C GLY A 399 1.62 17.30 16.77
N TRP A 400 0.51 16.79 17.31
CA TRP A 400 0.36 15.39 17.76
C TRP A 400 -0.72 14.60 16.99
N THR A 401 -1.09 15.08 15.81
CA THR A 401 -2.04 14.38 14.93
C THR A 401 -1.56 14.38 13.47
N ILE A 402 -2.22 13.58 12.63
CA ILE A 402 -1.96 13.54 11.18
C ILE A 402 -2.16 14.89 10.47
N ASP A 403 -2.91 15.81 11.09
CA ASP A 403 -3.14 17.15 10.56
C ASP A 403 -1.81 17.89 10.31
N SER A 404 -0.82 17.73 11.20
CA SER A 404 0.53 18.31 10.99
C SER A 404 1.42 17.57 9.97
N GLU A 405 1.03 16.38 9.51
CA GLU A 405 1.88 15.56 8.60
C GLU A 405 1.63 15.88 7.09
N THR A 406 1.52 17.18 6.79
CA THR A 406 1.13 17.66 5.45
C THR A 406 2.26 17.56 4.41
N GLY A 407 1.84 17.17 3.20
CA GLY A 407 2.75 16.96 2.05
C GLY A 407 1.96 16.38 0.89
N SER A 408 2.63 15.70 -0.04
CA SER A 408 1.97 15.09 -1.20
C SER A 408 0.95 14.04 -0.82
N THR A 409 -0.19 14.06 -1.52
CA THR A 409 -1.29 13.10 -1.36
C THR A 409 -1.12 11.86 -2.24
N ASN A 410 -0.10 11.84 -3.10
CA ASN A 410 0.08 10.73 -4.05
C ASN A 410 0.75 9.52 -3.38
N HIS A 411 -0.08 8.83 -2.59
CA HIS A 411 0.21 7.53 -1.96
C HIS A 411 -1.16 6.90 -1.66
N LEU A 412 -1.27 5.56 -1.66
CA LEU A 412 -2.56 4.90 -1.33
C LEU A 412 -3.15 5.26 0.04
N GLN A 413 -2.27 5.65 0.97
CA GLN A 413 -2.64 6.03 2.32
C GLN A 413 -2.52 7.58 2.58
N ASN A 414 -2.50 8.37 1.50
CA ASN A 414 -2.43 9.86 1.50
C ASN A 414 -1.14 10.52 1.95
N GLY A 415 -0.10 9.75 2.28
CA GLY A 415 1.18 10.33 2.62
C GLY A 415 2.26 9.30 2.85
N ALA A 416 3.51 9.74 2.75
CA ALA A 416 4.66 8.88 2.97
C ALA A 416 5.85 9.62 3.61
N PHE A 417 6.67 8.84 4.31
CA PHE A 417 8.01 9.24 4.76
C PHE A 417 9.08 8.43 4.05
N ILE A 418 10.21 9.06 3.75
CA ILE A 418 11.45 8.31 3.47
C ILE A 418 12.31 8.38 4.75
N PHE A 419 12.83 7.23 5.18
CA PHE A 419 13.79 7.21 6.28
C PHE A 419 15.20 7.57 5.76
N THR A 420 15.82 8.51 6.46
CA THR A 420 17.16 8.98 6.12
C THR A 420 18.05 8.93 7.36
N ASN A 421 19.36 8.94 7.15
CA ASN A 421 20.29 8.90 8.26
C ASN A 421 20.36 10.26 8.98
N SER A 422 20.67 10.22 10.27
CA SER A 422 20.85 11.42 11.09
C SER A 422 21.68 11.08 12.33
N PRO A 423 22.62 11.94 12.72
CA PRO A 423 23.50 11.65 13.86
C PRO A 423 22.79 11.56 15.21
N LEU A 424 21.58 12.08 15.33
CA LEU A 424 20.79 11.94 16.58
C LEU A 424 20.33 10.50 16.91
N VAL A 425 20.24 9.64 15.90
CA VAL A 425 19.64 8.32 16.04
C VAL A 425 20.53 7.24 15.42
N PRO A 426 21.50 6.77 16.19
CA PRO A 426 22.55 5.90 15.66
C PRO A 426 22.07 4.56 15.14
N GLU A 427 21.02 4.02 15.76
CA GLU A 427 20.60 2.65 15.51
C GLU A 427 19.58 2.46 14.35
N ALA A 428 19.04 3.56 13.89
CA ALA A 428 18.10 3.60 12.77
C ALA A 428 18.77 3.97 11.45
N ASN A 429 20.06 4.28 11.51
CA ASN A 429 20.80 4.68 10.33
C ASN A 429 21.20 3.44 9.53
N ALA A 430 21.01 3.53 8.22
CA ALA A 430 21.39 2.50 7.28
C ALA A 430 22.85 2.66 6.82
N ALA A 431 23.38 1.63 6.18
CA ALA A 431 24.69 1.73 5.52
C ALA A 431 24.68 2.67 4.31
N GLU A 432 25.88 3.07 3.85
CA GLU A 432 26.00 3.83 2.61
C GLU A 432 25.70 2.92 1.40
N GLY A 433 24.94 3.44 0.43
CA GLY A 433 24.63 2.68 -0.78
C GLY A 433 23.41 1.76 -0.64
N ASN A 434 22.73 1.84 0.51
CA ASN A 434 21.43 1.20 0.75
C ASN A 434 20.31 2.23 0.53
N ARG A 435 19.07 1.86 0.86
CA ARG A 435 17.87 2.64 0.54
C ARG A 435 17.84 3.08 -0.94
N LEU A 436 18.13 2.14 -1.85
CA LEU A 436 17.88 2.39 -3.27
C LEU A 436 16.37 2.38 -3.49
N ILE A 437 15.90 3.34 -4.28
CA ILE A 437 14.49 3.56 -4.53
C ILE A 437 14.17 3.40 -6.01
N ASN A 438 12.97 2.89 -6.28
CA ASN A 438 12.42 2.77 -7.63
C ASN A 438 13.27 1.94 -8.58
N ARG A 439 13.76 0.81 -8.11
CA ARG A 439 14.47 -0.10 -8.98
C ARG A 439 13.51 -1.09 -9.64
N THR A 440 12.60 -0.59 -10.44
CA THR A 440 11.73 -1.46 -11.18
C THR A 440 12.57 -2.22 -12.21
N PRO A 441 11.98 -3.19 -12.91
CA PRO A 441 12.75 -3.93 -13.94
C PRO A 441 13.28 -2.96 -14.99
N SER A 442 12.44 -2.01 -15.40
CA SER A 442 12.89 -0.95 -16.29
C SER A 442 13.97 -0.07 -15.65
N GLN A 443 13.86 0.21 -14.35
CA GLN A 443 14.80 1.16 -13.75
C GLN A 443 15.86 0.51 -12.82
N GLN A 444 15.98 -0.81 -12.87
CA GLN A 444 16.84 -1.62 -11.97
C GLN A 444 18.30 -1.13 -11.97
N THR A 445 18.77 -0.77 -13.16
CA THR A 445 20.12 -0.25 -13.37
C THR A 445 20.41 1.13 -12.71
N GLY A 446 19.35 1.89 -12.43
CA GLY A 446 19.45 3.29 -11.96
C GLY A 446 18.78 4.28 -12.92
N ASN A 447 18.47 3.84 -14.13
CA ASN A 447 17.91 4.66 -15.20
C ASN A 447 16.87 3.85 -15.98
N HIS A 448 15.82 4.52 -16.47
CA HIS A 448 14.78 3.84 -17.27
C HIS A 448 15.40 3.26 -18.54
N ILE A 449 15.04 2.02 -18.88
CA ILE A 449 15.46 1.36 -20.10
C ILE A 449 14.23 0.72 -20.75
N SER A 450 13.80 1.25 -21.90
CA SER A 450 12.76 0.59 -22.69
C SER A 450 13.37 -0.65 -23.39
N TYR A 451 12.84 -1.84 -23.06
CA TYR A 451 13.19 -3.09 -23.73
C TYR A 451 12.21 -3.46 -24.87
N ALA A 452 11.17 -2.64 -25.03
CA ALA A 452 10.06 -2.89 -25.97
C ALA A 452 10.35 -2.44 -27.41
N SER A 453 9.78 -3.15 -28.40
CA SER A 453 9.95 -2.85 -29.84
C SER A 453 8.69 -2.23 -30.49
N GLN A 454 8.74 -2.00 -31.81
CA GLN A 454 7.91 -0.99 -32.51
C GLN A 454 6.42 -0.81 -32.12
N PRO A 455 5.61 -1.90 -32.07
CA PRO A 455 4.19 -1.74 -31.74
C PRO A 455 3.89 -1.59 -30.24
N TYR A 456 4.76 -2.15 -29.39
CA TYR A 456 4.53 -2.32 -27.95
C TYR A 456 5.06 -1.14 -27.12
N SER A 457 4.47 -0.90 -25.95
CA SER A 457 4.93 0.14 -25.03
C SER A 457 6.09 -0.34 -24.14
N GLY A 458 6.99 0.59 -23.81
CA GLY A 458 8.07 0.35 -22.84
C GLY A 458 7.99 1.30 -21.64
N ASP A 459 6.77 1.62 -21.23
CA ASP A 459 6.53 2.44 -20.05
C ASP A 459 6.66 1.62 -18.77
N ASP A 460 6.99 2.32 -17.67
CA ASP A 460 7.10 1.77 -16.31
C ASP A 460 6.08 2.49 -15.44
N TRP A 461 5.25 1.74 -14.71
CA TRP A 461 4.25 2.32 -13.82
C TRP A 461 4.59 2.12 -12.34
N GLY A 462 5.76 1.56 -12.07
CA GLY A 462 6.23 1.34 -10.71
C GLY A 462 6.59 2.56 -9.90
N TYR A 463 6.77 2.31 -8.61
CA TYR A 463 7.07 3.29 -7.56
C TYR A 463 7.33 2.49 -6.29
N GLU A 464 8.32 2.89 -5.48
CA GLU A 464 8.81 2.05 -4.36
C GLU A 464 7.77 1.97 -3.24
N LEU A 465 7.28 3.11 -2.76
CA LEU A 465 6.45 3.15 -1.56
C LEU A 465 4.97 2.88 -1.86
N LEU A 466 4.56 1.62 -1.73
CA LEU A 466 3.21 1.19 -2.10
C LEU A 466 2.24 1.35 -0.94
N LEU A 467 2.56 0.62 0.14
CA LEU A 467 1.72 0.46 1.31
C LEU A 467 2.60 0.18 2.54
N GLY A 468 2.07 0.48 3.71
CA GLY A 468 2.64 -0.03 4.95
C GLY A 468 4.00 0.52 5.28
N ASN A 469 4.84 -0.35 5.86
CA ASN A 469 6.24 -0.07 6.13
C ASN A 469 7.08 -0.77 5.07
N ASP A 470 7.78 0.02 4.25
CA ASP A 470 8.41 -0.42 3.01
C ASP A 470 9.78 -1.07 3.23
N VAL A 471 9.90 -2.35 2.89
CA VAL A 471 11.14 -3.12 3.09
C VAL A 471 12.21 -2.74 2.05
N ASP A 472 13.42 -2.42 2.53
CA ASP A 472 14.55 -2.09 1.63
C ASP A 472 15.17 -3.34 1.01
N ASN A 473 14.63 -3.74 -0.15
CA ASN A 473 15.14 -4.92 -0.86
C ASN A 473 16.44 -4.67 -1.66
N SER A 474 16.96 -3.44 -1.59
CA SER A 474 18.30 -3.13 -2.07
C SER A 474 19.41 -3.35 -1.03
N ASN A 475 19.03 -3.60 0.21
CA ASN A 475 19.99 -3.98 1.26
C ASN A 475 20.37 -5.47 1.10
N PRO A 476 21.67 -5.79 0.87
CA PRO A 476 22.07 -7.20 0.66
C PRO A 476 21.75 -8.16 1.83
N ILE A 477 21.65 -7.66 3.07
CA ILE A 477 21.26 -8.49 4.20
C ILE A 477 19.76 -8.85 4.10
N VAL A 478 18.94 -7.87 3.69
CA VAL A 478 17.52 -8.11 3.42
C VAL A 478 17.35 -9.10 2.25
N GLN A 479 18.06 -8.90 1.14
CA GLN A 479 18.04 -9.84 -0.01
C GLN A 479 18.29 -11.30 0.42
N ALA A 480 19.22 -11.50 1.35
CA ALA A 480 19.48 -12.82 1.94
C ALA A 480 18.33 -13.34 2.79
N GLU A 481 17.74 -12.49 3.61
CA GLU A 481 16.53 -12.86 4.36
C GLU A 481 15.30 -13.15 3.44
N GLN A 482 15.20 -12.51 2.27
CA GLN A 482 14.16 -12.85 1.27
C GLN A 482 14.39 -14.27 0.71
N LEU A 483 15.63 -14.60 0.35
CA LEU A 483 16.00 -15.98 -0.02
C LEU A 483 15.67 -17.00 1.09
N ASN A 484 15.99 -16.68 2.34
CA ASN A 484 15.72 -17.56 3.48
C ASN A 484 14.24 -17.87 3.62
N TRP A 485 13.40 -16.86 3.39
CA TRP A 485 11.94 -16.99 3.46
C TRP A 485 11.39 -17.88 2.34
N ILE A 486 11.91 -17.71 1.11
CA ILE A 486 11.55 -18.59 0.00
C ILE A 486 11.93 -20.05 0.33
N HIS A 487 13.13 -20.28 0.84
CA HIS A 487 13.57 -21.63 1.27
C HIS A 487 12.66 -22.24 2.34
N TYR A 488 12.20 -21.40 3.27
CA TYR A 488 11.27 -21.82 4.33
C TYR A 488 9.92 -22.25 3.76
N LEU A 489 9.33 -21.45 2.85
CA LEU A 489 8.06 -21.82 2.19
C LEU A 489 8.18 -23.12 1.39
N MET A 490 9.20 -23.23 0.55
CA MET A 490 9.47 -24.43 -0.27
C MET A 490 9.80 -25.69 0.57
N ASN A 491 10.00 -25.52 1.88
CA ASN A 491 10.19 -26.65 2.80
C ASN A 491 9.26 -26.56 4.04
N PHE A 492 8.10 -25.92 3.88
CA PHE A 492 7.24 -25.61 5.02
C PHE A 492 6.81 -26.84 5.82
N GLY A 493 6.50 -27.92 5.11
CA GLY A 493 6.06 -29.16 5.72
C GLY A 493 7.14 -29.82 6.58
N THR A 494 8.30 -30.09 5.97
CA THR A 494 9.45 -30.71 6.69
C THR A 494 9.95 -29.86 7.85
N ILE A 495 9.91 -28.53 7.70
CA ILE A 495 10.32 -27.62 8.76
C ILE A 495 9.33 -27.59 9.93
N THR A 496 8.02 -27.55 9.66
CA THR A 496 7.04 -27.31 10.72
C THR A 496 6.50 -28.56 11.40
N ALA A 497 6.60 -29.73 10.76
CA ALA A 497 6.09 -30.96 11.33
C ALA A 497 7.14 -32.10 11.22
N PRO A 498 8.35 -31.92 11.84
CA PRO A 498 9.44 -32.90 11.69
C PRO A 498 9.11 -34.32 12.20
N GLN A 499 8.22 -34.42 13.19
CA GLN A 499 7.70 -35.69 13.71
C GLN A 499 6.71 -36.42 12.75
N ASP A 500 6.06 -35.69 11.84
CA ASP A 500 5.19 -36.29 10.79
C ASP A 500 6.05 -36.95 9.68
N PRO A 501 5.91 -38.27 9.44
CA PRO A 501 6.69 -38.94 8.39
C PRO A 501 6.37 -38.49 6.96
N ASP A 502 5.18 -37.90 6.76
CA ASP A 502 4.75 -37.36 5.47
C ASP A 502 4.99 -35.84 5.34
N ALA A 503 5.82 -35.27 6.21
CA ALA A 503 6.11 -33.84 6.19
C ALA A 503 6.63 -33.34 4.81
N HIS A 504 7.35 -34.19 4.09
CA HIS A 504 7.88 -33.87 2.75
C HIS A 504 6.79 -33.71 1.64
N LEU A 505 5.57 -34.19 1.88
CA LEU A 505 4.43 -33.96 0.99
C LEU A 505 3.67 -32.67 1.25
N ALA A 506 4.04 -31.93 2.30
CA ALA A 506 3.34 -30.71 2.67
C ALA A 506 4.19 -29.43 2.40
N ASN A 507 5.07 -29.54 1.40
CA ASN A 507 5.89 -28.43 0.94
C ASN A 507 5.24 -27.72 -0.26
N PHE A 508 5.36 -26.39 -0.30
CA PHE A 508 5.01 -25.59 -1.47
C PHE A 508 5.99 -25.87 -2.62
N ASP A 509 5.50 -25.72 -3.86
CA ASP A 509 6.28 -26.04 -5.07
C ASP A 509 6.72 -24.79 -5.88
N SER A 510 5.87 -23.78 -5.98
CA SER A 510 6.15 -22.62 -6.80
C SER A 510 5.78 -21.32 -6.06
N ILE A 511 6.19 -20.18 -6.62
CA ILE A 511 5.92 -18.88 -6.01
C ILE A 511 5.41 -17.89 -7.04
N ARG A 512 4.48 -17.03 -6.63
CA ARG A 512 4.16 -15.85 -7.43
C ARG A 512 4.87 -14.66 -6.79
N ILE A 513 5.59 -13.87 -7.59
CA ILE A 513 6.16 -12.61 -7.12
C ILE A 513 5.07 -11.55 -7.13
N ASP A 514 4.88 -10.93 -5.96
CA ASP A 514 3.87 -9.92 -5.71
C ASP A 514 4.48 -8.53 -5.82
N ALA A 515 3.72 -7.59 -6.37
CA ALA A 515 4.09 -6.18 -6.45
C ALA A 515 5.48 -5.93 -7.10
N VAL A 516 5.70 -6.53 -8.27
CA VAL A 516 7.02 -6.52 -8.94
C VAL A 516 7.52 -5.10 -9.22
N ASP A 517 6.58 -4.24 -9.59
CA ASP A 517 6.83 -2.83 -9.85
C ASP A 517 7.24 -1.98 -8.61
N ASN A 518 7.03 -2.51 -7.42
CA ASN A 518 7.24 -1.73 -6.20
C ASN A 518 8.54 -2.10 -5.46
N VAL A 519 9.15 -3.23 -5.84
CA VAL A 519 10.33 -3.74 -5.16
C VAL A 519 11.57 -3.75 -6.06
N ASP A 520 12.74 -3.88 -5.44
CA ASP A 520 13.98 -4.05 -6.18
C ASP A 520 13.98 -5.34 -7.04
N ALA A 521 14.09 -5.15 -8.36
CA ALA A 521 14.02 -6.24 -9.33
C ALA A 521 15.15 -7.28 -9.18
N ASP A 522 16.21 -6.98 -8.44
CA ASP A 522 17.23 -7.96 -8.06
C ASP A 522 16.60 -9.28 -7.54
N LEU A 523 15.51 -9.18 -6.78
CA LEU A 523 14.79 -10.34 -6.24
C LEU A 523 14.38 -11.40 -7.28
N LEU A 524 14.04 -10.97 -8.51
CA LEU A 524 13.65 -11.90 -9.58
C LEU A 524 14.80 -12.85 -9.94
N GLN A 525 16.01 -12.30 -9.98
CA GLN A 525 17.23 -13.07 -10.21
C GLN A 525 17.55 -13.96 -9.02
N ILE A 526 17.51 -13.42 -7.78
CA ILE A 526 17.73 -14.20 -6.55
C ILE A 526 16.85 -15.48 -6.57
N ALA A 527 15.57 -15.31 -6.86
CA ALA A 527 14.61 -16.42 -6.92
C ALA A 527 14.91 -17.37 -8.08
N GLY A 528 15.13 -16.84 -9.27
CA GLY A 528 15.45 -17.67 -10.45
C GLY A 528 16.70 -18.53 -10.29
N ASP A 529 17.69 -18.01 -9.57
CA ASP A 529 18.87 -18.77 -9.13
C ASP A 529 18.52 -19.90 -8.16
N TYR A 530 17.67 -19.61 -7.16
CA TYR A 530 17.29 -20.62 -6.13
C TYR A 530 16.70 -21.87 -6.77
N PHE A 531 15.73 -21.69 -7.67
CA PHE A 531 15.07 -22.83 -8.32
C PHE A 531 16.00 -23.61 -9.27
N LYS A 532 16.97 -22.94 -9.90
CA LYS A 532 18.04 -23.64 -10.63
C LYS A 532 18.93 -24.46 -9.68
N ALA A 533 19.30 -23.87 -8.54
CA ALA A 533 20.12 -24.53 -7.54
C ALA A 533 19.40 -25.73 -6.88
N ALA A 534 18.15 -25.55 -6.49
CA ALA A 534 17.39 -26.54 -5.74
C ALA A 534 16.78 -27.65 -6.62
N TYR A 535 16.14 -27.28 -7.73
CA TYR A 535 15.34 -28.23 -8.55
C TYR A 535 15.77 -28.35 -10.04
N GLN A 536 16.91 -27.75 -10.40
CA GLN A 536 17.52 -27.88 -11.74
C GLN A 536 16.56 -27.53 -12.89
N VAL A 537 15.75 -26.49 -12.68
CA VAL A 537 14.75 -26.02 -13.63
C VAL A 537 15.34 -25.52 -14.95
N GLY A 538 16.65 -25.22 -14.97
CA GLY A 538 17.32 -24.81 -16.20
C GLY A 538 17.69 -25.92 -17.16
N GLU A 539 17.57 -27.17 -16.75
CA GLU A 539 18.02 -28.31 -17.55
C GLU A 539 17.13 -28.63 -18.78
N ASN A 540 15.81 -28.61 -18.60
CA ASN A 540 14.83 -29.01 -19.64
C ASN A 540 13.40 -28.57 -19.28
N ASP A 541 12.49 -28.61 -20.25
CA ASP A 541 11.05 -28.37 -19.98
C ASP A 541 10.46 -29.22 -18.83
N LYS A 542 10.90 -30.47 -18.72
CA LYS A 542 10.35 -31.37 -17.70
C LYS A 542 10.54 -30.85 -16.27
N ASN A 543 11.75 -30.37 -15.98
CA ASN A 543 12.07 -29.80 -14.68
C ASN A 543 11.49 -28.39 -14.52
N ALA A 544 11.57 -27.57 -15.58
CA ALA A 544 11.01 -26.22 -15.58
C ALA A 544 9.50 -26.24 -15.28
N ASN A 545 8.76 -27.04 -16.06
CA ASN A 545 7.31 -27.11 -15.97
C ASN A 545 6.77 -27.74 -14.68
N GLN A 546 7.64 -28.38 -13.88
CA GLN A 546 7.28 -28.85 -12.52
C GLN A 546 7.26 -27.75 -11.45
N HIS A 547 7.79 -26.56 -11.77
CA HIS A 547 7.84 -25.41 -10.86
C HIS A 547 7.50 -24.14 -11.64
N ILE A 548 6.20 -23.84 -11.73
CA ILE A 548 5.70 -22.73 -12.55
C ILE A 548 5.45 -21.50 -11.69
N HIS A 549 6.35 -20.51 -11.79
CA HIS A 549 6.25 -19.23 -11.07
C HIS A 549 5.61 -18.16 -11.96
N ILE A 550 4.97 -17.17 -11.35
CA ILE A 550 4.32 -16.07 -12.09
C ILE A 550 4.68 -14.70 -11.49
N LEU A 551 4.77 -13.68 -12.35
CA LEU A 551 5.01 -12.30 -11.96
C LEU A 551 3.69 -11.54 -11.88
N GLN A 552 3.54 -10.63 -10.91
CA GLN A 552 2.51 -9.58 -11.00
C GLN A 552 3.18 -8.34 -11.62
N ASP A 553 3.44 -8.44 -12.93
CA ASP A 553 4.17 -7.44 -13.71
C ASP A 553 3.20 -6.61 -14.57
N TRP A 554 2.70 -5.52 -14.02
CA TRP A 554 1.67 -4.72 -14.69
C TRP A 554 2.23 -3.73 -15.73
N SER A 555 3.48 -3.30 -15.56
CA SER A 555 4.05 -2.33 -16.48
C SER A 555 4.34 -2.96 -17.86
N PRO A 556 4.00 -2.27 -18.97
CA PRO A 556 4.17 -2.86 -20.31
C PRO A 556 5.58 -3.31 -20.66
N ASN A 557 6.57 -2.62 -20.10
CA ASN A 557 7.98 -2.91 -20.35
C ASN A 557 8.44 -4.22 -19.69
N ASP A 558 7.76 -4.64 -18.63
CA ASP A 558 8.20 -5.77 -17.80
C ASP A 558 8.22 -7.07 -18.58
N VAL A 559 7.26 -7.25 -19.49
CA VAL A 559 7.21 -8.41 -20.43
C VAL A 559 8.56 -8.62 -21.13
N TRP A 560 9.17 -7.52 -21.55
CA TRP A 560 10.38 -7.52 -22.37
C TRP A 560 11.65 -7.48 -21.53
N TYR A 561 11.62 -6.75 -20.39
CA TYR A 561 12.63 -6.90 -19.34
C TYR A 561 12.77 -8.38 -18.96
N ASN A 562 11.65 -9.02 -18.67
CA ASN A 562 11.64 -10.40 -18.19
C ASN A 562 12.39 -11.30 -19.18
N GLN A 563 11.96 -11.23 -20.46
CA GLN A 563 12.59 -11.97 -21.56
C GLN A 563 14.09 -11.72 -21.76
N GLN A 564 14.52 -10.46 -21.75
CA GLN A 564 15.91 -10.12 -22.12
C GLN A 564 16.88 -10.18 -20.95
N VAL A 565 16.45 -9.71 -19.79
CA VAL A 565 17.31 -9.67 -18.61
C VAL A 565 17.02 -10.80 -17.65
N ASN A 566 15.74 -11.02 -17.37
CA ASN A 566 15.35 -12.04 -16.42
C ASN A 566 15.67 -13.46 -16.88
N GLY A 567 15.55 -13.71 -18.19
CA GLY A 567 15.78 -15.04 -18.74
C GLY A 567 14.60 -15.98 -18.52
N ASN A 568 13.44 -15.38 -18.24
CA ASN A 568 12.15 -16.04 -18.02
C ASN A 568 12.01 -16.89 -16.75
N SER A 569 12.89 -16.71 -15.78
CA SER A 569 12.77 -17.43 -14.51
C SER A 569 11.34 -17.42 -13.91
N GLN A 570 10.53 -16.42 -14.26
CA GLN A 570 9.13 -16.38 -13.88
C GLN A 570 8.28 -16.00 -15.10
N LEU A 571 7.02 -16.45 -15.14
CA LEU A 571 6.12 -16.14 -16.25
C LEU A 571 5.54 -14.74 -16.15
N THR A 572 5.68 -13.97 -17.22
CA THR A 572 5.00 -12.67 -17.40
C THR A 572 3.50 -12.84 -17.59
N MET A 573 2.71 -11.83 -17.22
CA MET A 573 1.30 -11.79 -17.57
C MET A 573 1.07 -11.22 -18.99
N ASP A 574 0.13 -11.80 -19.75
CA ASP A 574 -0.40 -11.12 -20.94
C ASP A 574 -1.58 -10.18 -20.58
N ALA A 575 -1.20 -8.94 -20.29
CA ALA A 575 -2.17 -7.88 -20.07
C ALA A 575 -2.93 -7.47 -21.35
N THR A 576 -2.33 -7.62 -22.53
CA THR A 576 -3.01 -7.22 -23.78
C THR A 576 -4.22 -8.10 -24.06
N MET A 577 -4.11 -9.38 -23.72
CA MET A 577 -5.23 -10.31 -23.83
C MET A 577 -6.33 -9.99 -22.82
N GLN A 578 -5.96 -9.79 -21.55
CA GLN A 578 -6.93 -9.40 -20.51
C GLN A 578 -7.70 -8.15 -20.92
N ASN A 579 -6.99 -7.07 -21.24
CA ASN A 579 -7.61 -5.80 -21.59
C ASN A 579 -8.53 -5.89 -22.82
N GLN A 580 -8.18 -6.75 -23.79
CA GLN A 580 -8.99 -6.91 -24.99
C GLN A 580 -10.26 -7.73 -24.73
N LEU A 581 -10.15 -8.81 -23.96
CA LEU A 581 -11.32 -9.60 -23.55
C LEU A 581 -12.33 -8.75 -22.79
N LEU A 582 -11.84 -7.89 -21.90
CA LEU A 582 -12.70 -6.99 -21.15
C LEU A 582 -13.35 -5.95 -22.10
N ALA A 583 -12.55 -5.23 -22.86
CA ALA A 583 -13.09 -4.15 -23.69
C ALA A 583 -14.11 -4.63 -24.75
N SER A 584 -13.84 -5.77 -25.40
CA SER A 584 -14.67 -6.26 -26.50
C SER A 584 -15.98 -6.97 -26.08
N LEU A 585 -16.07 -7.54 -24.87
CA LEU A 585 -17.26 -8.32 -24.46
C LEU A 585 -17.88 -7.90 -23.14
N THR A 586 -17.04 -7.70 -22.12
CA THR A 586 -17.51 -7.43 -20.76
C THR A 586 -18.11 -6.03 -20.59
N ARG A 587 -17.53 -5.03 -21.27
CA ARG A 587 -18.08 -3.66 -21.28
C ARG A 587 -19.54 -3.67 -21.79
N PRO A 588 -20.40 -2.79 -21.25
CA PRO A 588 -21.75 -2.66 -21.78
C PRO A 588 -21.71 -2.12 -23.22
N ILE A 589 -22.85 -2.16 -23.91
CA ILE A 589 -22.90 -1.97 -25.36
C ILE A 589 -22.28 -0.63 -25.81
N THR A 590 -22.47 0.42 -25.00
CA THR A 590 -21.99 1.78 -25.31
C THR A 590 -20.49 1.88 -25.50
N SER A 591 -19.75 1.09 -24.71
CA SER A 591 -18.30 1.26 -24.54
C SER A 591 -17.48 0.14 -25.20
N ARG A 592 -18.14 -0.75 -25.94
CA ARG A 592 -17.59 -2.02 -26.34
C ARG A 592 -16.80 -1.95 -27.67
N ASP A 593 -15.59 -2.50 -27.67
CA ASP A 593 -14.76 -2.65 -28.88
C ASP A 593 -15.35 -3.72 -29.82
N SER A 594 -15.00 -3.61 -31.10
CA SER A 594 -15.34 -4.66 -32.08
C SER A 594 -14.54 -5.95 -31.84
N MET A 595 -15.11 -7.09 -32.26
CA MET A 595 -14.40 -8.38 -32.22
C MET A 595 -13.14 -8.37 -33.07
N LYS A 596 -13.15 -7.58 -34.14
CA LYS A 596 -12.01 -7.38 -35.03
C LYS A 596 -10.72 -6.97 -34.29
N SER A 597 -10.85 -6.35 -33.11
CA SER A 597 -9.69 -6.04 -32.27
C SER A 597 -8.85 -7.25 -31.81
N PHE A 598 -9.42 -8.46 -31.82
CA PHE A 598 -8.65 -9.67 -31.50
C PHE A 598 -7.61 -10.07 -32.57
N THR A 599 -7.70 -9.48 -33.77
CA THR A 599 -6.72 -9.72 -34.84
C THR A 599 -5.70 -8.60 -35.00
N LYS A 600 -5.69 -7.64 -34.06
CA LYS A 600 -4.85 -6.44 -34.15
C LYS A 600 -3.36 -6.73 -33.87
N ASP A 601 -2.54 -5.73 -34.21
CA ASP A 601 -1.08 -5.84 -34.16
C ASP A 601 -0.48 -5.73 -32.73
N ALA A 602 -1.14 -4.96 -31.87
CA ALA A 602 -0.66 -4.66 -30.51
C ALA A 602 -0.78 -5.81 -29.50
N LEU A 603 -1.48 -6.88 -29.87
CA LEU A 603 -1.55 -8.08 -29.03
C LEU A 603 -0.18 -8.75 -28.93
N LEU A 604 0.13 -9.25 -27.74
CA LEU A 604 1.41 -9.87 -27.45
C LEU A 604 1.67 -11.11 -28.32
N VAL A 605 0.65 -11.97 -28.43
CA VAL A 605 0.73 -13.20 -29.22
C VAL A 605 -0.33 -13.12 -30.33
N HIS A 606 0.12 -12.93 -31.57
CA HIS A 606 -0.76 -12.99 -32.74
C HIS A 606 -1.23 -14.43 -32.95
N ARG A 607 -2.55 -14.60 -32.89
CA ARG A 607 -3.19 -15.92 -33.02
C ARG A 607 -4.02 -16.06 -34.33
N THR A 608 -3.89 -15.11 -35.26
CA THR A 608 -4.56 -15.22 -36.57
C THR A 608 -3.92 -16.32 -37.43
N ALA A 609 -2.60 -16.46 -37.29
CA ALA A 609 -1.82 -17.42 -38.08
C ALA A 609 -0.79 -18.21 -37.23
N ASP A 610 -1.03 -18.36 -35.92
CA ASP A 610 -0.11 -19.12 -35.05
C ASP A 610 -0.07 -20.61 -35.46
N ASN A 611 1.12 -21.06 -35.86
CA ASN A 611 1.33 -22.38 -36.43
C ASN A 611 2.65 -23.04 -36.02
N SER A 612 3.23 -22.63 -34.89
CA SER A 612 4.53 -23.16 -34.48
C SER A 612 4.70 -23.19 -32.97
N TYR A 613 5.66 -23.99 -32.52
CA TYR A 613 6.01 -24.07 -31.09
C TYR A 613 7.32 -23.34 -30.82
N ASN A 614 7.50 -22.91 -29.57
CA ASN A 614 8.70 -22.21 -29.10
C ASN A 614 8.93 -20.84 -29.74
N GLN A 615 7.86 -20.19 -30.20
CA GLN A 615 7.94 -18.83 -30.76
C GLN A 615 7.38 -17.74 -29.86
N ALA A 616 6.20 -17.98 -29.31
CA ALA A 616 5.55 -17.01 -28.45
C ALA A 616 6.34 -16.81 -27.15
N VAL A 617 6.20 -15.61 -26.58
CA VAL A 617 6.74 -15.34 -25.25
C VAL A 617 5.97 -16.17 -24.21
N PRO A 618 6.66 -16.93 -23.34
CA PRO A 618 5.97 -17.70 -22.30
C PRO A 618 5.16 -16.78 -21.41
N ASN A 619 3.88 -17.07 -21.21
CA ASN A 619 2.98 -16.15 -20.50
C ASN A 619 1.82 -16.86 -19.83
N TYR A 620 1.27 -16.23 -18.79
CA TYR A 620 -0.05 -16.59 -18.27
C TYR A 620 -1.05 -15.47 -18.58
N SER A 621 -2.28 -15.83 -18.94
CA SER A 621 -3.33 -14.84 -19.20
C SER A 621 -4.58 -15.13 -18.37
N PHE A 622 -5.29 -14.06 -18.02
CA PHE A 622 -6.45 -14.16 -17.12
C PHE A 622 -7.48 -13.08 -17.42
N ILE A 623 -8.63 -13.14 -16.75
CA ILE A 623 -9.64 -12.12 -16.93
C ILE A 623 -9.87 -11.31 -15.66
N ARG A 624 -9.78 -11.98 -14.52
CA ARG A 624 -10.01 -11.34 -13.23
C ARG A 624 -9.07 -11.84 -12.15
N ALA A 625 -8.92 -11.02 -11.12
CA ALA A 625 -8.03 -11.28 -9.99
C ALA A 625 -8.72 -10.91 -8.69
N HIS A 626 -8.13 -11.30 -7.57
CA HIS A 626 -8.67 -10.96 -6.26
C HIS A 626 -8.79 -9.46 -6.20
N ASP A 627 -7.79 -8.80 -6.79
CA ASP A 627 -7.77 -7.35 -6.94
C ASP A 627 -8.43 -6.86 -8.25
N SER A 628 -7.81 -7.25 -9.37
CA SER A 628 -8.16 -6.80 -10.72
C SER A 628 -9.59 -7.17 -11.11
N GLU A 629 -10.38 -6.14 -11.40
CA GLU A 629 -11.77 -6.26 -11.85
C GLU A 629 -12.77 -6.82 -10.82
N VAL A 630 -12.40 -6.82 -9.55
CA VAL A 630 -13.33 -7.19 -8.47
C VAL A 630 -13.58 -5.98 -7.55
N GLN A 631 -12.53 -5.52 -6.88
CA GLN A 631 -12.63 -4.45 -5.87
C GLN A 631 -13.22 -3.15 -6.45
N THR A 632 -12.76 -2.80 -7.65
CA THR A 632 -13.12 -1.54 -8.31
C THR A 632 -14.64 -1.44 -8.58
N ILE A 633 -15.24 -2.56 -8.94
CA ILE A 633 -16.67 -2.67 -9.24
C ILE A 633 -17.50 -2.44 -7.97
N ILE A 634 -17.06 -3.00 -6.85
CA ILE A 634 -17.73 -2.81 -5.54
C ILE A 634 -17.67 -1.35 -5.13
N ALA A 635 -16.48 -0.77 -5.21
CA ALA A 635 -16.28 0.60 -4.83
C ALA A 635 -17.13 1.58 -5.68
N LYS A 636 -17.23 1.34 -6.98
CA LYS A 636 -18.18 2.10 -7.79
C LYS A 636 -19.62 2.00 -7.27
N ILE A 637 -20.07 0.80 -6.86
CA ILE A 637 -21.41 0.63 -6.27
C ILE A 637 -21.56 1.45 -4.97
N ILE A 638 -20.58 1.40 -4.06
CA ILE A 638 -20.57 2.24 -2.84
C ILE A 638 -20.77 3.73 -3.23
N SER A 639 -20.03 4.17 -4.24
CA SER A 639 -20.06 5.56 -4.76
C SER A 639 -21.45 5.97 -5.30
N ASP A 640 -22.01 5.14 -6.19
CA ASP A 640 -23.33 5.39 -6.81
C ASP A 640 -24.50 5.32 -5.80
N LYS A 641 -24.27 4.72 -4.61
CA LYS A 641 -25.27 4.67 -3.53
C LYS A 641 -25.10 5.76 -2.45
N HIS A 642 -23.86 6.19 -2.19
CA HIS A 642 -23.52 7.15 -1.11
C HIS A 642 -22.57 8.27 -1.58
N PRO A 643 -23.10 9.23 -2.37
CA PRO A 643 -22.30 10.36 -2.83
C PRO A 643 -21.88 11.30 -1.71
N ASP A 644 -22.69 11.37 -0.65
CA ASP A 644 -22.39 12.17 0.54
C ASP A 644 -21.06 11.78 1.20
N LEU A 645 -20.81 10.47 1.30
CA LEU A 645 -19.55 10.00 1.86
C LEU A 645 -18.44 9.92 0.79
N TYR A 646 -18.70 9.30 -0.37
CA TYR A 646 -17.65 9.16 -1.40
C TYR A 646 -18.18 9.40 -2.84
N PRO A 647 -18.31 10.70 -3.25
CA PRO A 647 -18.96 11.07 -4.53
C PRO A 647 -18.18 10.73 -5.81
N THR A 648 -16.86 10.86 -5.78
CA THR A 648 -16.03 10.39 -6.90
C THR A 648 -15.75 8.90 -6.72
N VAL A 649 -15.63 8.18 -7.85
CA VAL A 649 -15.47 6.70 -7.83
C VAL A 649 -14.18 6.28 -7.09
N ASP A 650 -13.07 6.97 -7.35
CA ASP A 650 -11.78 6.67 -6.73
C ASP A 650 -11.83 6.77 -5.20
N LYS A 651 -12.49 7.82 -4.71
CA LYS A 651 -12.69 8.02 -3.30
C LYS A 651 -13.47 6.85 -2.59
N ALA A 652 -14.39 6.20 -3.32
CA ALA A 652 -15.23 5.12 -2.78
C ALA A 652 -14.45 3.83 -2.46
N LEU A 653 -13.33 3.61 -3.18
CA LEU A 653 -12.42 2.49 -3.03
C LEU A 653 -11.91 2.32 -1.59
N LEU A 654 -11.65 3.46 -0.97
CA LEU A 654 -10.88 3.57 0.27
C LEU A 654 -11.66 3.18 1.55
N ALA A 655 -12.98 3.26 1.48
CA ALA A 655 -13.87 3.03 2.63
C ALA A 655 -13.78 1.63 3.23
N LYS A 656 -13.70 1.55 4.55
CA LYS A 656 -13.57 0.28 5.27
C LYS A 656 -14.86 -0.19 6.00
N ASP A 657 -15.93 0.60 6.08
CA ASP A 657 -17.10 0.19 6.89
C ASP A 657 -17.71 -1.15 6.42
N SER A 658 -17.82 -2.08 7.37
CA SER A 658 -18.38 -3.42 7.12
C SER A 658 -19.81 -3.32 6.55
N ALA A 659 -20.60 -2.41 7.09
CA ALA A 659 -21.98 -2.16 6.62
C ALA A 659 -22.04 -1.63 5.17
N LEU A 660 -21.05 -0.83 4.77
CA LEU A 660 -20.97 -0.34 3.38
C LEU A 660 -20.68 -1.46 2.36
N TYR A 661 -19.80 -2.39 2.72
CA TYR A 661 -19.53 -3.56 1.87
C TYR A 661 -20.74 -4.49 1.75
N ASP A 662 -21.37 -4.83 2.88
CA ASP A 662 -22.58 -5.68 2.90
C ASP A 662 -23.66 -5.14 1.97
N GLU A 663 -23.86 -3.83 2.02
CA GLU A 663 -24.81 -3.12 1.15
C GLU A 663 -24.40 -3.17 -0.34
N ALA A 664 -23.15 -2.83 -0.61
CA ALA A 664 -22.64 -2.82 -1.97
C ALA A 664 -22.70 -4.23 -2.60
N PHE A 665 -22.46 -5.26 -1.80
CA PHE A 665 -22.46 -6.64 -2.28
C PHE A 665 -23.83 -7.19 -2.59
N THR A 666 -24.86 -6.87 -1.81
CA THR A 666 -26.23 -7.30 -2.18
C THR A 666 -26.68 -6.69 -3.51
N GLU A 667 -26.23 -5.47 -3.82
CA GLU A 667 -26.40 -4.88 -5.17
C GLU A 667 -25.58 -5.61 -6.23
N TYR A 668 -24.29 -5.81 -5.98
CA TYR A 668 -23.37 -6.52 -6.88
C TYR A 668 -23.90 -7.91 -7.28
N ASN A 669 -24.25 -8.70 -6.28
CA ASN A 669 -24.86 -10.03 -6.48
C ASN A 669 -26.16 -9.97 -7.30
N ALA A 670 -27.02 -9.01 -6.99
CA ALA A 670 -28.27 -8.80 -7.73
C ALA A 670 -28.03 -8.38 -9.20
N ASP A 671 -27.07 -7.49 -9.44
CA ASP A 671 -26.73 -7.06 -10.81
C ASP A 671 -26.15 -8.21 -11.64
N MET A 672 -25.43 -9.13 -10.99
CA MET A 672 -24.89 -10.30 -11.68
C MET A 672 -25.99 -11.24 -12.21
N GLN A 673 -27.12 -11.28 -11.52
CA GLN A 673 -28.31 -12.03 -11.96
C GLN A 673 -29.11 -11.37 -13.09
N LYS A 674 -28.88 -10.07 -13.32
CA LYS A 674 -29.62 -9.34 -14.35
C LYS A 674 -29.17 -9.71 -15.76
N ILE A 675 -30.12 -9.56 -16.69
CA ILE A 675 -29.87 -9.70 -18.13
C ILE A 675 -28.78 -8.71 -18.58
N SER A 676 -28.02 -9.05 -19.63
CA SER A 676 -26.88 -8.24 -20.07
C SER A 676 -27.19 -6.77 -20.42
N SER A 677 -28.39 -6.50 -20.96
CA SER A 677 -28.84 -5.12 -21.21
C SER A 677 -29.10 -4.30 -19.94
N GLN A 678 -29.31 -4.97 -18.80
CA GLN A 678 -29.51 -4.31 -17.49
C GLN A 678 -28.39 -4.55 -16.46
N LYS A 679 -27.21 -4.98 -16.92
CA LYS A 679 -26.02 -5.03 -16.08
C LYS A 679 -25.43 -3.63 -15.93
N GLN A 680 -25.71 -3.00 -14.78
CA GLN A 680 -25.20 -1.67 -14.47
C GLN A 680 -23.72 -1.66 -14.01
N TYR A 681 -23.27 -2.77 -13.40
CA TYR A 681 -21.91 -2.87 -12.87
C TYR A 681 -21.17 -4.17 -13.21
N THR A 682 -21.89 -5.30 -13.36
CA THR A 682 -21.23 -6.61 -13.59
C THR A 682 -20.81 -6.85 -15.04
N HIS A 683 -19.78 -7.67 -15.23
CA HIS A 683 -19.26 -7.95 -16.57
C HIS A 683 -20.26 -8.76 -17.45
N ASN A 684 -20.50 -8.28 -18.66
CA ASN A 684 -21.28 -9.02 -19.66
C ASN A 684 -20.45 -10.18 -20.26
N ASN A 685 -21.09 -11.16 -20.91
CA ASN A 685 -20.36 -12.13 -21.76
C ASN A 685 -19.25 -12.96 -21.07
N MET A 686 -19.32 -13.15 -19.75
CA MET A 686 -18.24 -13.82 -19.03
C MET A 686 -17.86 -15.22 -19.56
N PRO A 687 -18.86 -16.06 -19.94
CA PRO A 687 -18.54 -17.36 -20.56
C PRO A 687 -17.92 -17.23 -21.95
N SER A 688 -18.34 -16.22 -22.73
CA SER A 688 -17.75 -15.93 -24.04
C SER A 688 -16.25 -15.59 -23.91
N ALA A 689 -15.90 -14.80 -22.91
CA ALA A 689 -14.50 -14.46 -22.63
C ALA A 689 -13.69 -15.69 -22.22
N TYR A 690 -14.20 -16.44 -21.24
CA TYR A 690 -13.56 -17.69 -20.81
C TYR A 690 -13.41 -18.72 -21.95
N ALA A 691 -14.36 -18.75 -22.89
CA ALA A 691 -14.27 -19.63 -24.07
C ALA A 691 -13.09 -19.29 -25.00
N ILE A 692 -12.83 -18.00 -25.22
CA ILE A 692 -11.63 -17.57 -25.94
C ILE A 692 -10.36 -17.91 -25.14
N LEU A 693 -10.35 -17.56 -23.85
CA LEU A 693 -9.17 -17.73 -22.98
C LEU A 693 -8.71 -19.19 -22.89
N LEU A 694 -9.66 -20.09 -22.68
CA LEU A 694 -9.36 -21.51 -22.49
C LEU A 694 -9.05 -22.27 -23.80
N THR A 695 -9.44 -21.74 -24.96
CA THR A 695 -9.11 -22.33 -26.26
C THR A 695 -7.88 -21.74 -26.94
N ASN A 696 -7.39 -20.63 -26.41
CA ASN A 696 -6.21 -19.98 -26.97
C ASN A 696 -4.93 -20.84 -26.86
N LYS A 697 -4.08 -20.73 -27.88
CA LYS A 697 -2.76 -21.33 -27.93
C LYS A 697 -1.70 -20.37 -27.31
N ASP A 698 -0.58 -20.96 -26.87
CA ASP A 698 0.61 -20.26 -26.35
C ASP A 698 0.25 -19.31 -25.20
N THR A 699 -0.33 -19.90 -24.16
CA THR A 699 -0.65 -19.23 -22.89
C THR A 699 -0.98 -20.26 -21.81
N VAL A 700 -0.64 -19.97 -20.57
CA VAL A 700 -1.12 -20.73 -19.42
C VAL A 700 -2.30 -19.93 -18.81
N PRO A 701 -3.54 -20.40 -19.00
CA PRO A 701 -4.66 -19.62 -18.48
C PRO A 701 -4.75 -19.68 -16.95
N ARG A 702 -5.16 -18.57 -16.33
CA ARG A 702 -5.54 -18.57 -14.92
C ARG A 702 -7.04 -18.28 -14.73
N VAL A 703 -7.71 -19.20 -14.03
CA VAL A 703 -9.12 -19.07 -13.68
C VAL A 703 -9.24 -18.40 -12.31
N TYR A 704 -10.13 -17.41 -12.19
CA TYR A 704 -10.41 -16.78 -10.91
C TYR A 704 -11.56 -17.51 -10.18
N TYR A 705 -11.34 -17.82 -8.90
CA TYR A 705 -12.36 -18.38 -8.01
C TYR A 705 -13.73 -17.68 -8.15
N GLY A 706 -13.71 -16.36 -8.14
CA GLY A 706 -14.91 -15.51 -8.19
C GLY A 706 -15.65 -15.43 -9.52
N ASP A 707 -15.25 -16.25 -10.47
CA ASP A 707 -16.00 -16.38 -11.71
C ASP A 707 -16.95 -17.54 -11.49
N LEU A 708 -16.42 -18.65 -10.99
CA LEU A 708 -17.20 -19.85 -10.67
C LEU A 708 -18.12 -19.68 -9.44
N PHE A 709 -17.57 -19.10 -8.38
CA PHE A 709 -18.28 -18.84 -7.12
C PHE A 709 -18.47 -17.35 -6.84
N THR A 710 -19.33 -17.02 -5.89
CA THR A 710 -19.55 -15.63 -5.52
C THR A 710 -18.31 -15.08 -4.84
N ASP A 711 -17.95 -13.84 -5.18
CA ASP A 711 -16.73 -13.17 -4.65
C ASP A 711 -16.80 -13.00 -3.12
N ASN A 712 -18.04 -12.97 -2.59
CA ASN A 712 -18.35 -12.86 -1.17
C ASN A 712 -19.02 -14.11 -0.61
N GLY A 713 -19.22 -14.13 0.70
CA GLY A 713 -19.85 -15.26 1.38
C GLY A 713 -18.90 -16.42 1.66
N GLU A 714 -19.49 -17.55 2.06
CA GLU A 714 -18.76 -18.77 2.46
C GLU A 714 -17.95 -19.37 1.31
N TYR A 715 -16.77 -19.93 1.60
CA TYR A 715 -15.88 -20.44 0.55
C TYR A 715 -16.51 -21.61 -0.23
N MET A 716 -16.58 -21.45 -1.56
CA MET A 716 -17.20 -22.41 -2.50
C MET A 716 -18.70 -22.67 -2.27
N ALA A 717 -19.38 -21.84 -1.49
CA ALA A 717 -20.76 -22.13 -1.09
C ALA A 717 -21.84 -21.76 -2.10
N ASN A 718 -21.59 -20.75 -2.94
CA ASN A 718 -22.60 -20.26 -3.90
C ASN A 718 -21.98 -20.07 -5.28
N LYS A 719 -22.64 -20.60 -6.31
CA LYS A 719 -22.14 -20.53 -7.69
C LYS A 719 -22.56 -19.22 -8.37
N THR A 720 -21.74 -18.75 -9.29
CA THR A 720 -22.14 -17.68 -10.19
C THR A 720 -23.08 -18.25 -11.26
N PRO A 721 -23.81 -17.36 -11.98
CA PRO A 721 -24.54 -17.78 -13.18
C PRO A 721 -23.68 -18.45 -14.28
N TYR A 722 -22.36 -18.40 -14.17
CA TYR A 722 -21.46 -18.84 -15.24
C TYR A 722 -20.84 -20.22 -15.00
N TYR A 723 -21.05 -20.79 -13.82
CA TYR A 723 -20.36 -22.02 -13.36
C TYR A 723 -20.46 -23.18 -14.35
N ASP A 724 -21.64 -23.41 -14.91
CA ASP A 724 -21.86 -24.53 -15.86
C ASP A 724 -21.05 -24.34 -17.13
N ALA A 725 -21.15 -23.15 -17.71
CA ALA A 725 -20.40 -22.82 -18.92
C ALA A 725 -18.87 -22.97 -18.75
N ILE A 726 -18.34 -22.40 -17.66
CA ILE A 726 -16.89 -22.37 -17.44
C ILE A 726 -16.34 -23.76 -17.05
N THR A 727 -17.00 -24.48 -16.14
CA THR A 727 -16.53 -25.83 -15.77
C THR A 727 -16.66 -26.83 -16.93
N SER A 728 -17.61 -26.62 -17.86
CA SER A 728 -17.66 -27.40 -19.12
C SER A 728 -16.44 -27.16 -19.98
N LEU A 729 -16.10 -25.89 -20.19
CA LEU A 729 -14.92 -25.53 -20.95
C LEU A 729 -13.62 -26.10 -20.35
N LEU A 730 -13.51 -26.08 -19.02
CA LEU A 730 -12.32 -26.58 -18.32
C LEU A 730 -12.07 -28.08 -18.54
N THR A 731 -13.10 -28.93 -18.40
CA THR A 731 -12.97 -30.36 -18.70
C THR A 731 -12.80 -30.63 -20.20
N ALA A 732 -13.50 -29.86 -21.03
CA ALA A 732 -13.40 -29.95 -22.48
C ALA A 732 -11.99 -29.56 -22.99
N ARG A 733 -11.33 -28.61 -22.33
CA ARG A 733 -9.94 -28.21 -22.65
C ARG A 733 -9.04 -29.42 -22.57
N THR A 734 -9.15 -30.16 -21.46
CA THR A 734 -8.47 -31.45 -21.25
C THR A 734 -8.63 -32.45 -22.40
N LYS A 735 -9.82 -32.51 -22.99
CA LYS A 735 -10.10 -33.55 -24.00
C LYS A 735 -9.89 -33.14 -25.47
N PHE A 736 -10.03 -31.86 -25.80
CA PHE A 736 -10.06 -31.41 -27.20
C PHE A 736 -9.08 -30.32 -27.61
N VAL A 737 -8.66 -29.46 -26.67
CA VAL A 737 -7.89 -28.27 -27.05
C VAL A 737 -6.43 -28.62 -27.30
N SER A 738 -6.03 -28.67 -28.58
CA SER A 738 -4.65 -28.99 -28.96
C SER A 738 -4.36 -28.59 -30.41
N GLY A 739 -3.08 -28.62 -30.78
CA GLY A 739 -2.65 -28.28 -32.16
C GLY A 739 -2.45 -26.79 -32.40
N GLY A 740 -2.30 -26.41 -33.67
CA GLY A 740 -2.19 -25.00 -34.09
C GLY A 740 -3.50 -24.23 -33.90
N GLN A 741 -3.46 -22.92 -34.11
CA GLN A 741 -4.64 -22.06 -33.96
C GLN A 741 -4.82 -21.10 -35.14
N SER A 742 -6.06 -20.70 -35.42
CA SER A 742 -6.30 -19.51 -36.21
C SER A 742 -7.54 -18.73 -35.73
N LEU A 743 -7.39 -17.39 -35.68
CA LEU A 743 -8.49 -16.45 -35.52
C LEU A 743 -8.92 -15.80 -36.82
N SER A 744 -10.23 -15.62 -36.97
CA SER A 744 -10.83 -14.82 -38.02
C SER A 744 -11.96 -13.97 -37.44
N VAL A 745 -12.35 -12.98 -38.24
CA VAL A 745 -13.56 -12.19 -38.04
C VAL A 745 -14.15 -11.93 -39.42
N ASP A 746 -15.37 -12.39 -39.63
CA ASP A 746 -16.05 -12.13 -40.90
C ASP A 746 -16.53 -10.67 -41.01
N LYS A 747 -17.07 -10.32 -42.18
CA LYS A 747 -17.66 -9.00 -42.44
C LYS A 747 -18.73 -8.56 -41.41
N ASN A 748 -19.33 -9.51 -40.69
CA ASN A 748 -20.33 -9.21 -39.65
C ASN A 748 -19.75 -9.07 -38.23
N ASP A 749 -18.41 -9.12 -38.08
CA ASP A 749 -17.69 -8.99 -36.79
C ASP A 749 -17.89 -10.23 -35.90
N VAL A 750 -17.99 -11.41 -36.51
CA VAL A 750 -18.16 -12.66 -35.77
C VAL A 750 -16.80 -13.38 -35.70
N LEU A 751 -16.30 -13.51 -34.48
CA LEU A 751 -15.03 -14.17 -34.23
C LEU A 751 -15.19 -15.68 -34.33
N THR A 752 -14.30 -16.28 -35.11
CA THR A 752 -14.19 -17.73 -35.18
C THR A 752 -12.74 -18.12 -34.82
N SER A 753 -12.60 -18.81 -33.69
CA SER A 753 -11.31 -19.32 -33.22
C SER A 753 -11.29 -20.84 -33.40
N VAL A 754 -10.27 -21.35 -34.08
CA VAL A 754 -10.18 -22.78 -34.39
C VAL A 754 -8.87 -23.37 -33.84
N ARG A 755 -8.96 -24.55 -33.24
CA ARG A 755 -7.80 -25.39 -32.95
C ARG A 755 -7.86 -26.66 -33.83
N TYR A 756 -6.74 -26.96 -34.49
CA TYR A 756 -6.71 -28.04 -35.49
C TYR A 756 -6.53 -29.44 -34.90
N GLY A 757 -6.32 -29.55 -33.59
CA GLY A 757 -6.06 -30.84 -32.93
C GLY A 757 -4.59 -31.23 -32.96
N LYS A 758 -4.19 -32.06 -31.99
CA LYS A 758 -2.81 -32.50 -31.83
C LYS A 758 -2.25 -33.13 -33.10
N GLY A 759 -1.07 -32.67 -33.52
CA GLY A 759 -0.42 -33.13 -34.74
C GLY A 759 -0.62 -32.21 -35.95
N ALA A 760 -1.67 -31.38 -35.93
CA ALA A 760 -1.99 -30.46 -37.04
C ALA A 760 -1.77 -28.99 -36.63
N LEU A 761 -1.02 -28.23 -37.45
CA LEU A 761 -0.61 -26.84 -37.11
C LEU A 761 -1.25 -25.74 -37.97
N SER A 762 -1.92 -26.12 -39.05
CA SER A 762 -2.63 -25.17 -39.93
C SER A 762 -3.85 -25.85 -40.56
N ALA A 763 -4.68 -25.07 -41.25
CA ALA A 763 -5.85 -25.63 -41.96
C ALA A 763 -5.49 -26.64 -43.08
N THR A 764 -4.30 -26.51 -43.66
CA THR A 764 -3.83 -27.39 -44.73
C THR A 764 -2.95 -28.56 -44.26
N ASP A 765 -2.83 -28.74 -42.95
CA ASP A 765 -2.03 -29.82 -42.36
C ASP A 765 -2.88 -31.11 -42.17
N ASN A 766 -2.34 -32.24 -42.64
CA ASN A 766 -3.01 -33.53 -42.52
C ASN A 766 -2.93 -34.20 -41.14
N GLY A 767 -1.96 -33.79 -40.33
CA GLY A 767 -1.85 -34.27 -38.94
C GLY A 767 -1.32 -35.68 -38.72
N SER A 768 -1.51 -36.16 -37.49
CA SER A 768 -1.10 -37.50 -37.03
C SER A 768 -2.33 -38.36 -36.75
N SER A 769 -2.13 -39.57 -36.21
CA SER A 769 -3.27 -40.38 -35.75
C SER A 769 -4.07 -39.75 -34.58
N ASP A 770 -3.44 -38.84 -33.82
CA ASP A 770 -4.09 -38.11 -32.73
C ASP A 770 -5.05 -37.00 -33.21
N THR A 771 -4.90 -36.52 -34.45
CA THR A 771 -5.62 -35.32 -34.91
C THR A 771 -7.12 -35.47 -34.96
N ARG A 772 -7.60 -36.59 -35.51
CA ARG A 772 -9.00 -36.72 -35.94
C ARG A 772 -10.05 -36.32 -34.87
N ASN A 773 -9.98 -36.87 -33.66
CA ASN A 773 -10.96 -36.58 -32.62
C ASN A 773 -10.58 -35.45 -31.65
N GLN A 774 -9.59 -34.63 -32.05
CA GLN A 774 -9.13 -33.48 -31.26
C GLN A 774 -9.22 -32.20 -32.08
N GLY A 775 -9.27 -31.06 -31.41
CA GLY A 775 -9.39 -29.78 -32.11
C GLY A 775 -10.80 -29.22 -32.05
N ILE A 776 -10.99 -28.26 -31.14
CA ILE A 776 -12.23 -27.53 -30.91
C ILE A 776 -12.40 -26.32 -31.88
N GLY A 777 -13.64 -25.90 -32.11
CA GLY A 777 -13.96 -24.63 -32.81
C GLY A 777 -14.92 -23.76 -32.01
N VAL A 778 -14.68 -22.44 -31.98
CA VAL A 778 -15.44 -21.48 -31.15
C VAL A 778 -15.96 -20.34 -32.00
N ILE A 779 -17.19 -19.91 -31.69
CA ILE A 779 -17.85 -18.79 -32.35
C ILE A 779 -18.28 -17.77 -31.29
N VAL A 780 -17.92 -16.50 -31.50
CA VAL A 780 -18.32 -15.41 -30.59
C VAL A 780 -18.77 -14.17 -31.38
N SER A 781 -19.97 -13.68 -31.05
CA SER A 781 -20.41 -12.35 -31.44
C SER A 781 -20.72 -11.53 -30.19
N ASN A 782 -20.46 -10.22 -30.28
CA ASN A 782 -20.71 -9.28 -29.19
C ASN A 782 -21.86 -8.30 -29.44
N ASN A 783 -22.65 -8.54 -30.49
CA ASN A 783 -23.77 -7.70 -30.90
C ASN A 783 -25.13 -8.34 -30.56
N PRO A 784 -25.84 -7.83 -29.53
CA PRO A 784 -27.17 -8.37 -29.16
C PRO A 784 -28.23 -8.36 -30.26
N ASN A 785 -28.06 -7.55 -31.31
CA ASN A 785 -29.00 -7.52 -32.44
C ASN A 785 -28.43 -8.07 -33.75
N LEU A 786 -27.51 -9.03 -33.66
CA LEU A 786 -26.93 -9.67 -34.84
C LEU A 786 -28.01 -10.26 -35.74
N ASP A 787 -28.10 -9.74 -36.96
CA ASP A 787 -28.99 -10.23 -38.01
C ASP A 787 -28.16 -10.58 -39.25
N LEU A 788 -27.76 -11.86 -39.34
CA LEU A 788 -26.95 -12.39 -40.44
C LEU A 788 -27.66 -12.35 -41.79
N ASN A 789 -28.96 -12.67 -41.75
CA ASN A 789 -29.80 -12.71 -42.94
C ASN A 789 -29.20 -13.70 -43.98
N ASN A 790 -28.73 -13.22 -45.13
CA ASN A 790 -28.13 -14.07 -46.16
C ASN A 790 -26.66 -14.44 -45.89
N ASP A 791 -25.97 -13.66 -45.05
CA ASP A 791 -24.59 -13.98 -44.67
C ASP A 791 -24.52 -15.30 -43.87
N LYS A 792 -23.43 -16.00 -44.13
CA LYS A 792 -23.13 -17.29 -43.55
C LYS A 792 -21.92 -17.15 -42.63
N VAL A 793 -21.98 -17.78 -41.46
CA VAL A 793 -20.79 -17.90 -40.60
C VAL A 793 -20.10 -19.22 -40.92
N THR A 794 -18.77 -19.19 -40.94
CA THR A 794 -17.96 -20.36 -41.30
C THR A 794 -16.91 -20.72 -40.23
N LEU A 795 -17.03 -21.92 -39.66
CA LEU A 795 -15.93 -22.53 -38.91
C LEU A 795 -15.07 -23.38 -39.87
N SER A 796 -13.94 -22.85 -40.31
CA SER A 796 -12.98 -23.60 -41.12
C SER A 796 -12.07 -24.41 -40.21
N MET A 797 -12.53 -25.61 -39.85
CA MET A 797 -11.64 -26.60 -39.23
C MET A 797 -10.57 -27.01 -40.26
N GLY A 798 -9.65 -27.87 -39.86
CA GLY A 798 -8.63 -28.33 -40.80
C GLY A 798 -9.16 -29.21 -41.93
N ILE A 799 -8.40 -29.32 -43.02
CA ILE A 799 -8.59 -30.37 -44.02
C ILE A 799 -8.44 -31.78 -43.38
N SER A 800 -7.66 -31.87 -42.29
CA SER A 800 -7.64 -33.06 -41.42
C SER A 800 -9.02 -33.42 -40.82
N HIS A 801 -9.96 -32.47 -40.83
CA HIS A 801 -11.33 -32.61 -40.30
C HIS A 801 -12.43 -32.56 -41.38
N ALA A 802 -12.09 -32.86 -42.63
CA ALA A 802 -13.08 -32.96 -43.71
C ALA A 802 -13.97 -34.22 -43.57
N HIS A 803 -15.21 -34.09 -44.02
CA HIS A 803 -16.27 -35.11 -43.97
C HIS A 803 -16.34 -35.79 -42.58
N GLN A 804 -16.57 -34.96 -41.56
CA GLN A 804 -16.51 -35.36 -40.16
C GLN A 804 -17.69 -34.80 -39.36
N ALA A 805 -18.31 -35.65 -38.56
CA ALA A 805 -19.41 -35.26 -37.72
C ALA A 805 -18.93 -34.46 -36.51
N TYR A 806 -19.58 -33.31 -36.29
CA TYR A 806 -19.36 -32.45 -35.14
C TYR A 806 -20.66 -32.31 -34.31
N ARG A 807 -20.49 -32.05 -33.01
CA ARG A 807 -21.60 -31.80 -32.08
C ARG A 807 -21.25 -30.62 -31.16
N PRO A 808 -22.26 -29.96 -30.59
CA PRO A 808 -21.98 -28.82 -29.73
C PRO A 808 -21.49 -29.23 -28.34
N LEU A 809 -20.55 -28.45 -27.80
CA LEU A 809 -20.23 -28.45 -26.37
C LEU A 809 -21.11 -27.40 -25.66
N LEU A 810 -21.15 -26.18 -26.20
CA LEU A 810 -21.92 -25.04 -25.65
C LEU A 810 -22.73 -24.36 -26.77
N LEU A 811 -23.97 -23.95 -26.46
CA LEU A 811 -24.85 -23.17 -27.35
C LEU A 811 -25.72 -22.16 -26.60
N THR A 812 -26.05 -21.04 -27.25
CA THR A 812 -26.87 -19.97 -26.60
C THR A 812 -28.34 -19.99 -27.03
N ASN A 813 -29.22 -20.09 -26.04
CA ASN A 813 -30.66 -19.88 -26.16
C ASN A 813 -31.03 -18.48 -25.63
N SER A 814 -32.32 -18.14 -25.71
CA SER A 814 -32.90 -17.10 -24.83
C SER A 814 -32.84 -17.48 -23.31
N GLN A 815 -33.02 -18.78 -23.00
CA GLN A 815 -32.98 -19.32 -21.61
C GLN A 815 -31.62 -19.18 -20.92
N GLY A 816 -30.56 -19.29 -21.71
CA GLY A 816 -29.18 -19.16 -21.24
C GLY A 816 -28.29 -20.01 -22.11
N ILE A 817 -27.17 -20.47 -21.58
CA ILE A 817 -26.31 -21.40 -22.31
C ILE A 817 -26.61 -22.87 -21.98
N VAL A 818 -26.85 -23.67 -23.01
CA VAL A 818 -26.90 -25.14 -22.88
C VAL A 818 -25.49 -25.73 -22.99
N ALA A 819 -25.20 -26.66 -22.10
CA ALA A 819 -23.91 -27.36 -22.08
C ALA A 819 -24.12 -28.86 -22.20
N TYR A 820 -23.52 -29.46 -23.24
CA TYR A 820 -23.52 -30.91 -23.46
C TYR A 820 -22.18 -31.52 -23.02
N ALA A 821 -22.24 -32.41 -22.04
CA ALA A 821 -21.04 -33.00 -21.47
C ALA A 821 -20.53 -34.25 -22.24
N THR A 822 -21.43 -34.92 -22.98
CA THR A 822 -21.07 -36.11 -23.78
C THR A 822 -21.78 -36.07 -25.13
N ASP A 823 -21.38 -36.96 -26.04
CA ASP A 823 -22.02 -37.05 -27.37
C ASP A 823 -23.49 -37.49 -27.31
N SER A 824 -23.78 -38.36 -26.36
CA SER A 824 -25.11 -38.95 -26.19
C SER A 824 -26.16 -38.01 -25.58
N GLU A 825 -25.74 -36.89 -24.98
CA GLU A 825 -26.66 -35.86 -24.47
C GLU A 825 -27.20 -34.93 -25.57
N VAL A 826 -26.57 -34.96 -26.75
CA VAL A 826 -26.96 -34.13 -27.90
C VAL A 826 -28.09 -34.79 -28.69
N PRO A 827 -29.18 -34.04 -29.01
CA PRO A 827 -30.21 -34.57 -29.90
C PRO A 827 -29.71 -34.59 -31.36
N GLN A 828 -30.08 -35.64 -32.08
CA GLN A 828 -29.43 -36.01 -33.34
C GLN A 828 -29.54 -34.95 -34.46
N ASN A 829 -30.61 -34.15 -34.47
CA ASN A 829 -30.77 -33.04 -35.42
C ASN A 829 -29.76 -31.88 -35.27
N LEU A 830 -29.14 -31.74 -34.10
CA LEU A 830 -28.11 -30.72 -33.88
C LEU A 830 -26.72 -31.13 -34.37
N TYR A 831 -26.51 -32.42 -34.63
CA TYR A 831 -25.26 -32.91 -35.27
C TYR A 831 -25.07 -32.23 -36.63
N LYS A 832 -23.84 -31.82 -36.93
CA LYS A 832 -23.50 -31.21 -38.23
C LYS A 832 -22.17 -31.77 -38.76
N THR A 833 -22.13 -32.13 -40.03
CA THR A 833 -20.95 -32.71 -40.67
C THR A 833 -20.24 -31.68 -41.57
N THR A 834 -18.91 -31.69 -41.55
CA THR A 834 -18.08 -30.80 -42.38
C THR A 834 -18.14 -31.17 -43.85
N ASN A 835 -17.95 -30.19 -44.72
CA ASN A 835 -17.78 -30.44 -46.15
C ASN A 835 -16.37 -31.01 -46.50
N ASP A 836 -16.10 -31.12 -47.81
CA ASP A 836 -14.82 -31.62 -48.36
C ASP A 836 -13.56 -30.81 -47.98
N LYS A 837 -13.77 -29.54 -47.63
CA LYS A 837 -12.70 -28.63 -47.21
C LYS A 837 -12.48 -28.60 -45.66
N GLY A 838 -13.33 -29.30 -44.91
CA GLY A 838 -13.34 -29.26 -43.45
C GLY A 838 -14.11 -28.10 -42.84
N GLU A 839 -15.03 -27.51 -43.59
CA GLU A 839 -15.79 -26.33 -43.15
C GLU A 839 -17.17 -26.70 -42.60
N LEU A 840 -17.58 -25.99 -41.55
CA LEU A 840 -18.97 -25.95 -41.08
C LEU A 840 -19.57 -24.59 -41.42
N THR A 841 -20.83 -24.61 -41.85
CA THR A 841 -21.55 -23.41 -42.31
C THR A 841 -22.82 -23.19 -41.51
N PHE A 842 -23.04 -21.96 -41.06
CA PHE A 842 -24.20 -21.63 -40.22
C PHE A 842 -25.10 -20.57 -40.87
N ASP A 843 -26.41 -20.74 -40.63
CA ASP A 843 -27.49 -19.94 -41.21
C ASP A 843 -28.10 -18.99 -40.17
N ALA A 844 -28.92 -18.04 -40.63
CA ALA A 844 -29.66 -17.14 -39.70
C ALA A 844 -30.66 -17.89 -38.81
N SER A 845 -31.07 -19.09 -39.25
CA SER A 845 -31.89 -20.01 -38.45
C SER A 845 -31.17 -20.58 -37.21
N GLU A 846 -29.83 -20.57 -37.22
CA GLU A 846 -29.00 -21.08 -36.11
C GLU A 846 -28.36 -19.97 -35.26
N ILE A 847 -27.87 -18.94 -35.93
CA ILE A 847 -27.13 -17.87 -35.28
C ILE A 847 -27.89 -16.54 -35.41
N LYS A 848 -28.15 -15.92 -34.26
CA LYS A 848 -28.80 -14.62 -34.18
C LYS A 848 -28.31 -13.89 -32.92
N GLY A 849 -28.70 -12.62 -32.79
CA GLY A 849 -28.41 -11.84 -31.59
C GLY A 849 -29.24 -12.28 -30.39
N TYR A 850 -28.58 -12.36 -29.23
CA TYR A 850 -29.24 -12.66 -27.96
C TYR A 850 -28.84 -11.65 -26.87
N ASP A 851 -29.72 -11.58 -25.86
CA ASP A 851 -29.51 -10.83 -24.64
C ASP A 851 -29.99 -11.74 -23.51
N THR A 852 -29.05 -12.44 -22.86
CA THR A 852 -29.34 -13.24 -21.65
C THR A 852 -28.47 -12.69 -20.48
N VAL A 853 -28.49 -13.37 -19.34
CA VAL A 853 -27.56 -13.05 -18.24
C VAL A 853 -26.07 -13.29 -18.64
N GLN A 854 -25.87 -14.21 -19.57
CA GLN A 854 -24.56 -14.80 -19.83
C GLN A 854 -23.94 -14.46 -21.19
N THR A 855 -24.70 -13.75 -22.03
CA THR A 855 -24.27 -13.43 -23.37
C THR A 855 -25.03 -12.19 -23.92
N SER A 856 -24.25 -11.20 -24.36
CA SER A 856 -24.71 -10.14 -25.29
C SER A 856 -24.13 -10.48 -26.66
N GLY A 857 -24.96 -10.92 -27.61
CA GLY A 857 -24.48 -11.49 -28.87
C GLY A 857 -24.73 -12.99 -28.97
N TYR A 858 -23.69 -13.76 -29.33
CA TYR A 858 -23.82 -15.21 -29.52
C TYR A 858 -22.54 -15.93 -29.04
N LEU A 859 -22.71 -17.15 -28.52
CA LEU A 859 -21.60 -18.03 -28.18
C LEU A 859 -21.93 -19.47 -28.60
N ALA A 860 -21.00 -20.11 -29.29
CA ALA A 860 -21.09 -21.52 -29.58
C ALA A 860 -19.71 -22.16 -29.58
N VAL A 861 -19.68 -23.43 -29.20
CA VAL A 861 -18.47 -24.21 -29.16
C VAL A 861 -18.78 -25.59 -29.72
N TRP A 862 -18.02 -26.00 -30.75
CA TRP A 862 -18.23 -27.26 -31.44
C TRP A 862 -17.01 -28.17 -31.31
N VAL A 863 -17.26 -29.45 -31.07
CA VAL A 863 -16.23 -30.46 -30.89
C VAL A 863 -16.51 -31.67 -31.79
N PRO A 864 -15.44 -32.38 -32.22
CA PRO A 864 -15.65 -33.53 -33.08
C PRO A 864 -16.27 -34.69 -32.32
N VAL A 865 -17.22 -35.35 -32.98
CA VAL A 865 -17.92 -36.52 -32.42
C VAL A 865 -16.98 -37.74 -32.34
N GLY A 866 -17.16 -38.56 -31.31
CA GLY A 866 -16.55 -39.88 -31.24
C GLY A 866 -15.29 -39.99 -30.43
N ALA A 867 -14.93 -38.95 -29.69
CA ALA A 867 -13.75 -39.02 -28.82
C ALA A 867 -13.95 -40.06 -27.69
N SER A 868 -12.90 -40.79 -27.32
CA SER A 868 -12.96 -41.74 -26.18
C SER A 868 -12.92 -41.01 -24.82
N ASP A 869 -13.29 -41.72 -23.75
CA ASP A 869 -13.17 -41.14 -22.39
C ASP A 869 -11.70 -41.11 -21.90
N GLU A 870 -10.88 -42.05 -22.40
CA GLU A 870 -9.43 -42.06 -22.22
C GLU A 870 -8.69 -40.90 -22.89
N GLN A 871 -9.27 -40.32 -23.93
CA GLN A 871 -8.61 -39.28 -24.71
C GLN A 871 -8.27 -38.03 -23.90
N ASP A 872 -6.98 -37.68 -23.89
CA ASP A 872 -6.48 -36.45 -23.23
C ASP A 872 -5.63 -35.70 -24.27
N ALA A 873 -5.98 -34.45 -24.52
CA ALA A 873 -5.36 -33.64 -25.57
C ALA A 873 -3.97 -33.07 -25.16
N ARG A 874 -3.62 -33.17 -23.87
CA ARG A 874 -2.39 -32.59 -23.33
C ARG A 874 -1.14 -33.33 -23.77
N THR A 875 0.01 -32.66 -23.65
CA THR A 875 1.28 -33.16 -24.16
C THR A 875 2.34 -33.17 -23.06
N ILE A 876 3.14 -34.25 -23.03
CA ILE A 876 4.18 -34.45 -22.02
C ILE A 876 5.37 -33.49 -22.27
N ALA A 877 5.97 -32.97 -21.19
CA ALA A 877 7.15 -32.08 -21.32
C ALA A 877 8.37 -32.77 -21.95
N SER A 878 9.06 -32.04 -22.83
CA SER A 878 10.30 -32.52 -23.45
C SER A 878 11.43 -32.76 -22.42
N THR A 879 12.15 -33.87 -22.58
CA THR A 879 13.32 -34.18 -21.74
C THR A 879 14.64 -33.74 -22.39
N GLU A 880 14.58 -33.22 -23.62
CA GLU A 880 15.77 -32.75 -24.32
C GLU A 880 16.37 -31.52 -23.63
N LYS A 881 17.70 -31.47 -23.59
CA LYS A 881 18.42 -30.37 -22.96
C LYS A 881 18.16 -29.05 -23.66
N ASN A 882 17.95 -28.00 -22.85
CA ASN A 882 17.67 -26.68 -23.35
C ASN A 882 18.91 -25.74 -23.28
N ASN A 883 19.32 -25.25 -24.45
CA ASN A 883 20.42 -24.30 -24.59
C ASN A 883 20.02 -22.83 -24.44
N GLY A 884 18.73 -22.53 -24.56
CA GLY A 884 18.23 -21.15 -24.60
C GLY A 884 18.26 -20.41 -23.28
N ASN A 885 18.30 -19.07 -23.38
CA ASN A 885 18.27 -18.15 -22.22
C ASN A 885 17.05 -18.35 -21.32
N SER A 886 15.90 -18.51 -21.95
CA SER A 886 14.63 -18.71 -21.23
C SER A 886 14.54 -20.05 -20.53
N VAL A 887 13.87 -20.07 -19.38
CA VAL A 887 13.63 -21.28 -18.59
C VAL A 887 12.40 -22.00 -19.13
N TYR A 888 11.33 -21.25 -19.39
CA TYR A 888 10.12 -21.79 -20.04
C TYR A 888 10.10 -21.51 -21.55
N HIS A 889 9.37 -22.35 -22.29
CA HIS A 889 9.16 -22.15 -23.73
C HIS A 889 7.67 -22.33 -24.08
N SER A 890 7.12 -21.41 -24.87
CA SER A 890 5.70 -21.52 -25.23
C SER A 890 5.49 -22.65 -26.25
N ASN A 891 5.02 -23.78 -25.76
CA ASN A 891 4.87 -25.02 -26.53
C ASN A 891 3.71 -25.88 -25.99
N ALA A 892 3.45 -27.00 -26.67
CA ALA A 892 2.33 -27.89 -26.30
C ALA A 892 2.31 -28.35 -24.84
N ALA A 893 3.48 -28.64 -24.26
CA ALA A 893 3.59 -29.09 -22.87
C ALA A 893 3.24 -27.99 -21.85
N LEU A 894 3.67 -26.76 -22.14
CA LEU A 894 3.34 -25.61 -21.33
C LEU A 894 1.85 -25.23 -21.44
N ASP A 895 1.27 -25.25 -22.63
CA ASP A 895 -0.19 -25.01 -22.82
C ASP A 895 -1.09 -26.04 -22.10
N SER A 896 -0.57 -27.25 -21.88
CA SER A 896 -1.23 -28.25 -21.05
C SER A 896 -1.43 -27.85 -19.58
N GLN A 897 -0.70 -26.82 -19.13
CA GLN A 897 -0.81 -26.31 -17.76
C GLN A 897 -2.03 -25.37 -17.62
N LEU A 898 -2.50 -25.23 -16.39
CA LEU A 898 -3.57 -24.28 -16.04
C LEU A 898 -3.46 -23.89 -14.57
N ILE A 899 -3.58 -22.59 -14.30
CA ILE A 899 -3.54 -22.05 -12.94
C ILE A 899 -4.98 -21.78 -12.46
N TYR A 900 -5.21 -22.03 -11.17
CA TYR A 900 -6.48 -21.68 -10.51
C TYR A 900 -6.16 -20.80 -9.31
N GLU A 901 -6.60 -19.55 -9.38
CA GLU A 901 -6.50 -18.60 -8.29
C GLU A 901 -7.60 -18.92 -7.30
N GLY A 902 -7.19 -19.57 -6.20
CA GLY A 902 -8.13 -20.28 -5.34
C GLY A 902 -8.74 -19.48 -4.21
N PHE A 903 -8.87 -18.16 -4.39
CA PHE A 903 -9.40 -17.32 -3.32
C PHE A 903 -10.07 -16.02 -3.80
N SER A 904 -10.69 -15.31 -2.85
CA SER A 904 -11.18 -13.96 -3.07
C SER A 904 -10.87 -13.13 -1.83
N ASN A 905 -10.76 -11.81 -2.03
CA ASN A 905 -10.68 -10.89 -0.90
C ASN A 905 -11.89 -11.06 0.00
N PHE A 906 -13.08 -11.03 -0.60
CA PHE A 906 -14.33 -10.82 0.13
C PHE A 906 -15.01 -12.11 0.65
N GLN A 907 -14.29 -13.24 0.58
CA GLN A 907 -14.67 -14.44 1.33
C GLN A 907 -14.95 -14.03 2.77
N THR A 908 -16.10 -14.47 3.30
CA THR A 908 -16.41 -14.22 4.70
C THR A 908 -15.36 -14.91 5.61
N VAL A 909 -15.02 -14.24 6.71
CA VAL A 909 -13.94 -14.67 7.60
C VAL A 909 -14.58 -15.51 8.70
N PRO A 910 -14.19 -16.79 8.82
CA PRO A 910 -14.79 -17.68 9.83
C PRO A 910 -14.77 -17.03 11.21
N SER A 911 -15.96 -16.92 11.82
CA SER A 911 -16.10 -16.22 13.10
C SER A 911 -15.34 -16.97 14.21
N LYS A 912 -15.13 -16.30 15.35
CA LYS A 912 -14.25 -16.83 16.39
C LYS A 912 -14.49 -18.32 16.74
N ASN A 913 -15.76 -18.70 16.85
CA ASN A 913 -16.13 -20.09 17.18
C ASN A 913 -16.69 -20.83 15.98
N ALA A 914 -16.10 -20.58 14.80
CA ALA A 914 -16.50 -21.27 13.58
C ALA A 914 -16.27 -22.78 13.67
N SER A 915 -17.17 -23.55 13.07
CA SER A 915 -16.98 -24.98 12.91
C SER A 915 -15.78 -25.27 11.97
N ALA A 916 -15.20 -26.45 12.14
CA ALA A 916 -13.96 -26.83 11.46
C ALA A 916 -14.00 -26.72 9.92
N ASP A 917 -15.18 -26.92 9.33
CA ASP A 917 -15.37 -27.01 7.89
C ASP A 917 -15.86 -25.71 7.19
N GLU A 918 -15.90 -24.58 7.91
CA GLU A 918 -16.00 -23.24 7.27
C GLU A 918 -14.63 -22.79 6.71
N TYR A 919 -13.55 -23.24 7.33
CA TYR A 919 -12.19 -22.79 6.97
C TYR A 919 -11.80 -23.27 5.57
N ALA A 920 -11.44 -22.32 4.72
CA ALA A 920 -11.22 -22.56 3.30
C ALA A 920 -10.23 -23.71 3.04
N ASN A 921 -9.10 -23.76 3.75
CA ASN A 921 -8.09 -24.81 3.54
C ASN A 921 -8.60 -26.26 3.82
N VAL A 922 -9.64 -26.39 4.64
CA VAL A 922 -10.31 -27.68 4.84
C VAL A 922 -11.21 -28.02 3.64
N ILE A 923 -11.95 -27.02 3.15
CA ILE A 923 -12.79 -27.15 1.96
C ILE A 923 -11.95 -27.49 0.72
N ILE A 924 -10.77 -26.91 0.61
CA ILE A 924 -9.81 -27.22 -0.47
C ILE A 924 -9.48 -28.72 -0.46
N ALA A 925 -9.17 -29.26 0.71
CA ALA A 925 -8.80 -30.66 0.86
C ALA A 925 -9.92 -31.61 0.45
N LYS A 926 -11.15 -31.31 0.86
CA LYS A 926 -12.34 -32.05 0.41
C LYS A 926 -12.46 -32.07 -1.09
N HIS A 927 -12.41 -30.89 -1.70
CA HIS A 927 -12.68 -30.70 -3.14
C HIS A 927 -11.44 -30.92 -4.04
N ALA A 928 -10.37 -31.49 -3.52
CA ALA A 928 -9.12 -31.68 -4.26
C ALA A 928 -9.29 -32.31 -5.66
N ALA A 929 -10.16 -33.30 -5.77
CA ALA A 929 -10.42 -33.98 -7.05
C ALA A 929 -11.15 -33.09 -8.08
N ASP A 930 -12.00 -32.18 -7.62
CA ASP A 930 -12.75 -31.26 -8.49
C ASP A 930 -11.78 -30.38 -9.30
N PHE A 931 -10.71 -29.87 -8.66
CA PHE A 931 -9.68 -29.07 -9.33
C PHE A 931 -8.91 -29.89 -10.39
N ASN A 932 -8.57 -31.13 -10.06
CA ASN A 932 -7.92 -32.05 -11.01
C ASN A 932 -8.82 -32.33 -12.22
N LYS A 933 -10.10 -32.55 -11.98
CA LYS A 933 -11.08 -32.72 -13.05
C LYS A 933 -11.13 -31.49 -13.98
N TRP A 934 -11.04 -30.29 -13.42
CA TRP A 934 -10.98 -29.03 -14.20
C TRP A 934 -9.66 -28.80 -14.95
N GLY A 935 -8.67 -29.67 -14.74
CA GLY A 935 -7.39 -29.58 -15.46
C GLY A 935 -6.35 -28.71 -14.77
N VAL A 936 -6.60 -28.35 -13.51
CA VAL A 936 -5.68 -27.52 -12.73
C VAL A 936 -4.36 -28.27 -12.54
N THR A 937 -3.25 -27.60 -12.85
CA THR A 937 -1.90 -28.11 -12.58
C THR A 937 -1.12 -27.27 -11.55
N SER A 938 -1.50 -26.00 -11.40
CA SER A 938 -0.92 -25.10 -10.41
C SER A 938 -2.03 -24.40 -9.61
N PHE A 939 -2.16 -24.76 -8.34
CA PHE A 939 -3.14 -24.14 -7.44
C PHE A 939 -2.51 -22.90 -6.78
N GLN A 940 -2.91 -21.70 -7.20
CA GLN A 940 -2.46 -20.47 -6.54
C GLN A 940 -3.30 -20.22 -5.30
N MET A 941 -2.73 -20.56 -4.15
CA MET A 941 -3.32 -20.23 -2.86
C MET A 941 -3.17 -18.75 -2.54
N ALA A 942 -4.01 -18.29 -1.62
CA ALA A 942 -3.88 -16.99 -0.99
C ALA A 942 -2.58 -16.92 -0.17
N PRO A 943 -2.11 -15.68 0.12
CA PRO A 943 -1.09 -15.55 1.15
C PRO A 943 -1.62 -16.11 2.48
N GLN A 944 -0.81 -16.93 3.14
CA GLN A 944 -1.26 -17.60 4.37
C GLN A 944 -0.77 -16.91 5.66
N TYR A 945 -0.35 -15.66 5.57
CA TYR A 945 0.34 -14.99 6.70
C TYR A 945 -0.68 -14.38 7.65
N ARG A 946 -0.41 -14.44 8.96
CA ARG A 946 -1.34 -13.86 9.95
C ARG A 946 -1.60 -12.41 9.72
N SER A 947 -2.87 -12.06 9.59
CA SER A 947 -3.22 -10.73 9.13
C SER A 947 -3.29 -9.70 10.25
N SER A 948 -3.01 -8.45 9.89
CA SER A 948 -3.34 -7.31 10.72
C SER A 948 -4.85 -7.06 10.66
N THR A 949 -5.37 -6.48 11.75
CA THR A 949 -6.80 -6.15 11.84
C THR A 949 -7.03 -4.62 12.03
N ASP A 950 -5.98 -3.82 11.77
CA ASP A 950 -5.94 -2.40 12.13
C ASP A 950 -6.65 -1.45 11.15
N GLY A 951 -6.88 -1.87 9.92
CA GLY A 951 -7.55 -1.01 8.93
C GLY A 951 -6.78 0.17 8.42
N SER A 952 -5.46 0.08 8.39
CA SER A 952 -4.64 1.01 7.64
C SER A 952 -4.96 0.92 6.12
N PHE A 953 -5.37 -0.27 5.65
CA PHE A 953 -5.83 -0.50 4.27
C PHE A 953 -7.01 -1.51 4.22
N LEU A 954 -7.58 -1.71 3.04
CA LEU A 954 -8.65 -2.70 2.81
C LEU A 954 -8.23 -4.13 3.15
N ASP A 955 -6.98 -4.48 2.86
CA ASP A 955 -6.47 -5.83 3.17
C ASP A 955 -6.41 -6.08 4.69
N ALA A 956 -6.15 -5.00 5.43
CA ALA A 956 -6.08 -4.99 6.89
C ALA A 956 -7.46 -4.93 7.60
N VAL A 957 -8.56 -5.04 6.85
CA VAL A 957 -9.89 -5.00 7.48
C VAL A 957 -10.27 -6.38 8.08
N ASP A 958 -10.82 -6.32 9.28
CA ASP A 958 -11.16 -7.53 10.03
C ASP A 958 -12.25 -8.39 9.34
N THR A 959 -13.09 -7.76 8.53
CA THR A 959 -14.12 -8.47 7.74
C THR A 959 -13.54 -9.24 6.55
N VAL A 960 -12.33 -8.88 6.07
CA VAL A 960 -11.66 -9.52 4.91
C VAL A 960 -10.14 -9.57 5.06
N GLN A 961 -9.70 -10.26 6.09
CA GLN A 961 -8.27 -10.38 6.41
C GLN A 961 -7.57 -11.32 5.42
N ASN A 962 -7.29 -10.82 4.23
CA ASN A 962 -6.89 -11.68 3.11
C ASN A 962 -5.49 -12.29 3.25
N GLY A 963 -4.62 -11.64 4.05
CA GLY A 963 -3.26 -12.15 4.28
C GLY A 963 -2.12 -11.38 3.62
N TYR A 964 -2.41 -10.33 2.84
CA TYR A 964 -1.36 -9.44 2.29
C TYR A 964 -0.88 -8.39 3.30
N ALA A 965 -1.64 -8.19 4.38
CA ALA A 965 -1.26 -7.25 5.43
C ALA A 965 -0.83 -8.00 6.69
N PHE A 966 0.49 -8.15 6.89
CA PHE A 966 1.01 -9.00 7.97
C PHE A 966 2.16 -8.35 8.76
N THR A 967 2.37 -8.81 10.00
CA THR A 967 3.49 -8.37 10.85
C THR A 967 4.62 -9.43 10.90
N ASP A 968 4.24 -10.70 10.78
CA ASP A 968 5.16 -11.83 10.97
C ASP A 968 5.09 -12.80 9.80
N ARG A 969 5.97 -12.57 8.84
CA ARG A 969 5.98 -13.34 7.61
C ARG A 969 6.05 -14.87 7.79
N TYR A 970 6.74 -15.32 8.83
CA TYR A 970 6.88 -16.76 9.06
C TYR A 970 5.68 -17.43 9.75
N ASP A 971 4.65 -16.67 10.13
CA ASP A 971 3.50 -17.24 10.84
C ASP A 971 2.29 -17.53 9.94
N LEU A 972 2.18 -18.81 9.57
CA LEU A 972 1.10 -19.31 8.70
C LEU A 972 -0.08 -19.92 9.51
N GLY A 973 -0.22 -19.51 10.78
CA GLY A 973 -1.34 -19.90 11.63
C GLY A 973 -1.01 -20.91 12.71
N PHE A 974 0.20 -20.86 13.24
CA PHE A 974 0.59 -21.74 14.34
C PHE A 974 -0.29 -21.52 15.58
N ASN A 975 -0.58 -22.58 16.31
CA ASN A 975 -1.34 -22.48 17.56
C ASN A 975 -0.73 -21.49 18.57
N ALA A 976 -1.59 -20.89 19.39
CA ALA A 976 -1.18 -19.92 20.39
C ALA A 976 -0.27 -20.52 21.49
N ALA A 977 0.22 -19.64 22.36
CA ALA A 977 1.13 -19.98 23.46
C ALA A 977 0.58 -21.05 24.42
N ASP A 978 -0.71 -20.92 24.75
CA ASP A 978 -1.41 -21.89 25.60
C ASP A 978 -1.72 -23.22 24.87
N GLY A 979 -1.41 -23.29 23.58
CA GLY A 979 -1.68 -24.45 22.75
C GLY A 979 -3.08 -24.48 22.13
N SER A 980 -3.89 -23.43 22.33
CA SER A 980 -5.19 -23.34 21.65
C SER A 980 -5.02 -23.17 20.13
N LYS A 981 -5.90 -23.80 19.37
CA LYS A 981 -5.92 -23.60 17.92
C LYS A 981 -6.19 -22.12 17.62
N ASN A 982 -5.33 -21.52 16.80
CA ASN A 982 -5.38 -20.09 16.49
C ASN A 982 -5.07 -19.88 15.02
N PRO A 983 -6.12 -19.91 14.15
CA PRO A 983 -5.92 -19.98 12.70
C PRO A 983 -5.67 -18.62 12.07
N THR A 984 -5.41 -18.64 10.76
CA THR A 984 -5.55 -17.47 9.90
C THR A 984 -7.01 -17.44 9.42
N LYS A 985 -7.29 -16.63 8.41
CA LYS A 985 -8.60 -16.66 7.74
C LYS A 985 -8.90 -18.02 7.09
N TYR A 986 -7.86 -18.70 6.63
CA TYR A 986 -8.00 -19.92 5.81
C TYR A 986 -7.87 -21.24 6.61
N GLY A 987 -7.22 -21.19 7.77
CA GLY A 987 -7.07 -22.35 8.66
C GLY A 987 -5.84 -22.27 9.55
N THR A 988 -5.61 -23.31 10.36
CA THR A 988 -4.34 -23.48 11.10
C THR A 988 -3.21 -23.97 10.19
N ASP A 989 -2.01 -24.00 10.76
CA ASP A 989 -0.83 -24.62 10.13
C ASP A 989 -1.05 -26.09 9.75
N GLU A 990 -1.71 -26.83 10.64
CA GLU A 990 -2.20 -28.21 10.38
C GLU A 990 -3.12 -28.27 9.15
N ASP A 991 -4.14 -27.41 9.16
CA ASP A 991 -5.14 -27.38 8.10
C ASP A 991 -4.49 -26.99 6.73
N LEU A 992 -3.51 -26.08 6.75
CA LEU A 992 -2.71 -25.75 5.56
C LEU A 992 -1.85 -26.94 5.06
N ARG A 993 -1.06 -27.55 5.95
CA ARG A 993 -0.25 -28.72 5.58
C ARG A 993 -1.11 -29.84 4.93
N ASN A 994 -2.33 -30.04 5.45
CA ASN A 994 -3.25 -31.03 4.90
C ASN A 994 -3.85 -30.64 3.55
N ALA A 995 -4.13 -29.35 3.32
CA ALA A 995 -4.55 -28.87 2.00
C ALA A 995 -3.48 -29.17 0.94
N ILE A 996 -2.22 -28.90 1.28
CA ILE A 996 -1.07 -29.13 0.42
C ILE A 996 -0.93 -30.63 0.11
N LYS A 997 -1.03 -31.49 1.11
CA LYS A 997 -1.02 -32.95 0.90
C LYS A 997 -2.13 -33.45 -0.04
N SER A 998 -3.34 -32.91 0.08
CA SER A 998 -4.47 -33.33 -0.75
C SER A 998 -4.30 -32.97 -2.20
N LEU A 999 -3.78 -31.77 -2.45
CA LEU A 999 -3.42 -31.33 -3.80
C LEU A 999 -2.24 -32.15 -4.36
N HIS A 1000 -1.21 -32.40 -3.54
CA HIS A 1000 -0.10 -33.28 -3.94
C HIS A 1000 -0.51 -34.73 -4.23
N ALA A 1001 -1.52 -35.22 -3.52
CA ALA A 1001 -2.06 -36.56 -3.75
C ALA A 1001 -2.77 -36.70 -5.11
N GLN A 1002 -3.40 -35.63 -5.58
CA GLN A 1002 -3.94 -35.57 -6.94
C GLN A 1002 -2.80 -35.60 -7.97
N LYS A 1003 -3.04 -36.31 -9.08
CA LYS A 1003 -2.05 -36.48 -10.16
C LYS A 1003 -2.66 -36.09 -11.49
N THR A 1004 -1.89 -35.36 -12.30
CA THR A 1004 -2.39 -34.88 -13.60
C THR A 1004 -1.99 -35.85 -14.71
N TYR A 1005 -2.23 -35.44 -15.96
CA TYR A 1005 -2.00 -36.28 -17.15
C TYR A 1005 -0.57 -36.87 -17.29
N ASP A 1006 0.46 -36.18 -16.79
CA ASP A 1006 1.86 -36.64 -16.90
C ASP A 1006 2.34 -37.45 -15.67
N GLY A 1007 1.41 -37.73 -14.75
CA GLY A 1007 1.71 -38.49 -13.55
C GLY A 1007 2.31 -37.68 -12.43
N SER A 1008 2.47 -36.36 -12.61
CA SER A 1008 3.01 -35.50 -11.54
C SER A 1008 1.86 -34.91 -10.70
N SER A 1009 2.24 -34.42 -9.53
CA SER A 1009 1.30 -33.83 -8.57
C SER A 1009 0.80 -32.47 -9.03
N ILE A 1010 -0.33 -32.02 -8.49
CA ILE A 1010 -0.76 -30.65 -8.68
C ILE A 1010 0.14 -29.76 -7.81
N GLN A 1011 0.77 -28.77 -8.43
CA GLN A 1011 1.65 -27.82 -7.73
C GLN A 1011 0.84 -26.90 -6.81
N VAL A 1012 1.47 -26.52 -5.69
CA VAL A 1012 0.91 -25.52 -4.80
C VAL A 1012 1.80 -24.27 -4.78
N MET A 1013 1.19 -23.12 -5.05
CA MET A 1013 1.92 -21.86 -5.19
C MET A 1013 1.80 -20.99 -3.93
N ALA A 1014 2.94 -20.49 -3.44
CA ALA A 1014 2.99 -19.53 -2.34
C ALA A 1014 2.93 -18.10 -2.88
N ASP A 1015 2.16 -17.24 -2.22
CA ASP A 1015 2.18 -15.82 -2.52
C ASP A 1015 3.43 -15.18 -1.85
N PHE A 1016 4.45 -14.89 -2.64
CA PHE A 1016 5.71 -14.31 -2.13
C PHE A 1016 5.60 -12.78 -2.13
N VAL A 1017 5.52 -12.21 -0.92
CA VAL A 1017 5.23 -10.78 -0.69
C VAL A 1017 6.40 -10.11 0.04
N PRO A 1018 7.42 -9.62 -0.73
CA PRO A 1018 8.60 -9.01 -0.12
C PRO A 1018 8.48 -7.52 0.15
N ASP A 1019 7.41 -6.88 -0.34
CA ASP A 1019 7.28 -5.42 -0.39
C ASP A 1019 7.24 -4.75 0.98
N GLN A 1020 6.29 -5.17 1.82
CA GLN A 1020 6.02 -4.44 3.04
C GLN A 1020 5.70 -5.30 4.27
N LEU A 1021 5.69 -4.63 5.42
CA LEU A 1021 5.08 -5.15 6.65
C LEU A 1021 4.10 -4.11 7.24
N TYR A 1022 3.02 -4.59 7.84
CA TYR A 1022 2.03 -3.74 8.51
C TYR A 1022 2.16 -3.82 10.03
N ASN A 1023 1.67 -2.78 10.71
CA ASN A 1023 1.22 -2.89 12.09
C ASN A 1023 2.27 -3.52 13.02
N MET A 1024 3.45 -2.90 13.05
CA MET A 1024 4.55 -3.42 13.86
C MET A 1024 4.42 -2.94 15.31
N PRO A 1025 4.74 -3.82 16.28
CA PRO A 1025 4.40 -3.61 17.67
C PRO A 1025 5.20 -2.52 18.39
N LEU A 1026 6.49 -2.40 18.10
CA LEU A 1026 7.36 -1.48 18.88
C LEU A 1026 7.72 -0.20 18.12
N GLU A 1027 7.82 0.89 18.87
CA GLU A 1027 8.28 2.18 18.35
C GLU A 1027 9.82 2.25 18.29
N GLN A 1028 10.33 3.02 17.34
CA GLN A 1028 11.76 3.33 17.21
C GLN A 1028 11.86 4.81 16.78
N ALA A 1029 12.88 5.51 17.23
CA ALA A 1029 13.18 6.84 16.69
C ALA A 1029 13.76 6.68 15.27
N VAL A 1030 13.33 7.54 14.35
CA VAL A 1030 13.87 7.59 12.97
C VAL A 1030 13.90 9.02 12.46
N SER A 1031 14.85 9.30 11.57
CA SER A 1031 14.85 10.58 10.87
C SER A 1031 14.02 10.46 9.58
N VAL A 1032 13.05 11.36 9.39
CA VAL A 1032 12.09 11.30 8.30
C VAL A 1032 12.09 12.55 7.41
N ILE A 1033 11.72 12.36 6.15
CA ILE A 1033 11.39 13.44 5.23
C ILE A 1033 9.99 13.15 4.67
N ARG A 1034 9.13 14.16 4.58
CA ARG A 1034 7.81 13.99 3.95
C ARG A 1034 7.92 13.90 2.42
N THR A 1035 7.31 12.86 1.83
CA THR A 1035 7.42 12.57 0.39
C THR A 1035 6.10 12.09 -0.21
N ASP A 1036 6.11 11.90 -1.53
CA ASP A 1036 5.11 11.06 -2.22
C ASP A 1036 5.58 9.61 -2.36
N LYS A 1037 4.78 8.78 -3.04
CA LYS A 1037 5.08 7.35 -3.26
C LYS A 1037 6.35 7.04 -4.07
N TYR A 1038 6.78 7.98 -4.92
CA TYR A 1038 8.04 7.83 -5.66
C TYR A 1038 9.28 8.17 -4.82
N GLY A 1039 9.08 8.70 -3.61
CA GLY A 1039 10.18 9.19 -2.78
C GLY A 1039 10.55 10.65 -3.02
N VAL A 1040 9.77 11.38 -3.83
CA VAL A 1040 10.06 12.80 -4.12
C VAL A 1040 9.71 13.66 -2.91
N ASN A 1041 10.69 14.45 -2.48
CA ASN A 1041 10.54 15.37 -1.36
C ASN A 1041 9.36 16.32 -1.56
N SER A 1042 8.30 16.17 -0.74
CA SER A 1042 7.14 17.10 -0.74
C SER A 1042 7.50 18.50 -0.24
N GLU A 1043 8.76 18.71 0.16
CA GLU A 1043 9.35 20.04 0.38
C GLU A 1043 8.63 20.79 1.50
N ASN A 1044 8.20 20.07 2.54
CA ASN A 1044 7.66 20.70 3.74
C ASN A 1044 8.86 21.06 4.63
N PRO A 1045 9.09 22.39 4.92
CA PRO A 1045 10.20 22.86 5.78
C PRO A 1045 10.25 22.25 7.17
N ASP A 1046 9.07 22.10 7.79
CA ASP A 1046 8.93 21.67 9.19
C ASP A 1046 9.30 20.20 9.39
N ILE A 1047 9.05 19.38 8.36
CA ILE A 1047 9.38 17.96 8.38
C ILE A 1047 10.49 17.59 7.36
N GLN A 1048 11.69 18.10 7.66
CA GLN A 1048 12.94 17.70 7.00
C GLN A 1048 13.94 17.17 8.04
N ASN A 1049 14.33 15.90 7.89
CA ASN A 1049 15.25 15.21 8.82
C ASN A 1049 14.86 15.31 10.30
N ILE A 1050 13.57 15.34 10.59
CA ILE A 1050 13.04 15.43 11.96
C ILE A 1050 12.99 14.05 12.61
N ILE A 1051 12.91 14.00 13.93
CA ILE A 1051 12.82 12.73 14.67
C ILE A 1051 11.38 12.32 14.97
N TYR A 1052 11.01 11.14 14.47
CA TYR A 1052 9.64 10.61 14.56
C TYR A 1052 9.67 9.28 15.31
N ALA A 1053 8.66 9.04 16.15
CA ALA A 1053 8.52 7.74 16.82
C ALA A 1053 7.68 6.81 15.94
N ALA A 1054 8.32 6.08 15.04
CA ALA A 1054 7.62 5.21 14.10
C ALA A 1054 7.39 3.82 14.67
N ASN A 1055 6.20 3.25 14.46
CA ASN A 1055 5.99 1.81 14.68
C ASN A 1055 6.67 1.03 13.55
N ILE A 1056 7.91 0.62 13.81
CA ILE A 1056 8.81 0.09 12.77
C ILE A 1056 9.76 -1.03 13.30
N LYS A 1057 9.51 -1.53 14.51
CA LYS A 1057 10.38 -2.56 15.09
C LYS A 1057 9.54 -3.79 15.46
N SER A 1058 9.96 -4.97 14.99
CA SER A 1058 9.21 -6.23 15.27
C SER A 1058 9.44 -6.66 16.72
N SER A 1059 8.61 -7.59 17.22
CA SER A 1059 8.63 -7.93 18.64
C SER A 1059 9.93 -8.62 19.09
N GLY A 1060 10.61 -9.29 18.17
CA GLY A 1060 11.79 -10.11 18.52
C GLY A 1060 11.47 -11.40 19.30
N THR A 1061 10.18 -11.70 19.47
CA THR A 1061 9.68 -12.96 20.06
C THR A 1061 8.70 -13.68 19.11
N ASP A 1062 8.55 -13.13 17.91
CA ASP A 1062 7.75 -13.63 16.80
C ASP A 1062 8.44 -14.79 16.07
N TYR A 1063 7.78 -15.38 15.09
CA TYR A 1063 8.39 -16.45 14.29
C TYR A 1063 9.53 -15.96 13.38
N GLN A 1064 9.50 -14.68 12.99
CA GLN A 1064 10.66 -14.00 12.40
C GLN A 1064 11.91 -14.17 13.27
N SER A 1065 11.77 -14.04 14.60
CA SER A 1065 12.91 -14.20 15.51
C SER A 1065 13.46 -15.64 15.60
N ILE A 1066 12.63 -16.62 15.26
CA ILE A 1066 13.02 -18.04 15.25
C ILE A 1066 13.69 -18.44 13.91
N TYR A 1067 12.99 -18.16 12.80
CA TYR A 1067 13.38 -18.65 11.48
C TYR A 1067 14.22 -17.67 10.65
N GLY A 1068 14.21 -16.39 11.01
CA GLY A 1068 14.87 -15.33 10.23
C GLY A 1068 16.36 -15.61 10.00
N GLY A 1069 16.75 -15.68 8.73
CA GLY A 1069 18.11 -16.01 8.29
C GLY A 1069 18.65 -17.38 8.75
N LYS A 1070 17.79 -18.25 9.25
CA LYS A 1070 18.23 -19.48 9.92
C LYS A 1070 19.00 -20.45 9.02
N TYR A 1071 18.59 -20.55 7.75
CA TYR A 1071 19.10 -21.58 6.84
C TYR A 1071 20.23 -21.06 5.94
N LEU A 1072 20.58 -19.77 6.08
CA LEU A 1072 21.63 -19.15 5.27
C LEU A 1072 23.02 -19.79 5.52
N ALA A 1073 23.28 -20.18 6.77
CA ALA A 1073 24.48 -20.94 7.14
C ALA A 1073 24.61 -22.29 6.41
N GLU A 1074 23.50 -23.04 6.42
CA GLU A 1074 23.36 -24.32 5.73
C GLU A 1074 23.51 -24.16 4.20
N LEU A 1075 22.77 -23.21 3.62
CA LEU A 1075 22.73 -23.03 2.17
C LEU A 1075 24.07 -22.59 1.57
N GLN A 1076 24.78 -21.66 2.22
CA GLN A 1076 26.13 -21.25 1.79
C GLN A 1076 27.09 -22.44 1.64
N LYS A 1077 27.01 -23.41 2.55
CA LYS A 1077 27.83 -24.63 2.50
C LYS A 1077 27.49 -25.61 1.36
N ASN A 1078 26.29 -25.51 0.78
CA ASN A 1078 25.91 -26.34 -0.35
C ASN A 1078 26.55 -25.87 -1.69
N PRO A 1079 27.34 -26.75 -2.37
CA PRO A 1079 27.94 -26.40 -3.67
C PRO A 1079 26.97 -25.93 -4.75
N LEU A 1080 25.76 -26.49 -4.79
CA LEU A 1080 24.76 -26.16 -5.81
C LEU A 1080 24.32 -24.69 -5.79
N PHE A 1081 24.47 -24.04 -4.64
CA PHE A 1081 24.04 -22.66 -4.44
C PHE A 1081 25.13 -21.62 -4.65
N LYS A 1082 26.35 -22.08 -5.00
CA LYS A 1082 27.48 -21.21 -5.18
C LYS A 1082 27.20 -20.04 -6.14
N SER A 1083 26.62 -20.32 -7.30
CA SER A 1083 26.32 -19.26 -8.29
C SER A 1083 25.36 -18.19 -7.77
N LEU A 1084 24.38 -18.59 -6.95
CA LEU A 1084 23.45 -17.66 -6.29
C LEU A 1084 24.17 -16.67 -5.37
N PHE A 1085 25.06 -17.22 -4.52
CA PHE A 1085 25.81 -16.45 -3.54
C PHE A 1085 26.99 -15.65 -4.14
N ASP A 1086 27.50 -16.07 -5.29
CA ASP A 1086 28.55 -15.33 -6.01
C ASP A 1086 28.00 -14.29 -7.02
N ARG A 1087 26.70 -14.34 -7.32
CA ARG A 1087 26.09 -13.44 -8.30
C ARG A 1087 26.20 -11.96 -7.89
N ILE A 1088 26.68 -11.15 -8.82
CA ILE A 1088 26.65 -9.70 -8.70
C ILE A 1088 25.25 -9.21 -9.07
N GLN A 1089 24.52 -8.65 -8.11
CA GLN A 1089 23.17 -8.16 -8.36
C GLN A 1089 23.22 -6.82 -9.11
N ILE A 1090 22.21 -6.58 -9.93
CA ILE A 1090 22.21 -5.46 -10.86
C ILE A 1090 22.16 -4.10 -10.14
N SER A 1091 21.20 -3.91 -9.25
CA SER A 1091 20.99 -2.60 -8.63
C SER A 1091 22.09 -2.28 -7.59
N THR A 1092 22.44 -3.27 -6.77
CA THR A 1092 23.42 -3.06 -5.70
C THR A 1092 24.87 -3.04 -6.17
N LYS A 1093 25.12 -3.66 -7.34
CA LYS A 1093 26.48 -3.97 -7.86
C LYS A 1093 27.39 -4.79 -6.92
N LYS A 1094 26.79 -5.25 -5.82
CA LYS A 1094 27.43 -6.14 -4.87
C LYS A 1094 26.72 -7.49 -4.91
N THR A 1095 27.31 -8.45 -4.22
CA THR A 1095 26.66 -9.71 -3.97
C THR A 1095 25.67 -9.62 -2.80
N ILE A 1096 24.75 -10.58 -2.74
CA ILE A 1096 23.93 -10.90 -1.55
C ILE A 1096 24.79 -11.10 -0.25
N ASP A 1097 24.29 -10.70 0.93
CA ASP A 1097 25.08 -10.76 2.21
C ASP A 1097 24.42 -11.68 3.27
N PRO A 1098 24.69 -13.00 3.20
CA PRO A 1098 24.02 -13.97 4.06
C PRO A 1098 24.65 -14.14 5.45
N ASN A 1099 25.61 -13.28 5.80
CA ASN A 1099 26.35 -13.45 7.06
C ASN A 1099 25.67 -12.85 8.29
N THR A 1100 24.76 -11.89 8.08
CA THR A 1100 23.93 -11.34 9.16
C THR A 1100 22.50 -11.92 9.10
N ARG A 1101 21.98 -12.34 10.24
CA ARG A 1101 20.58 -12.81 10.37
C ARG A 1101 19.62 -11.69 10.77
N ILE A 1102 18.46 -11.60 10.13
CA ILE A 1102 17.40 -10.66 10.56
C ILE A 1102 16.39 -11.39 11.46
N THR A 1103 16.46 -11.17 12.77
CA THR A 1103 15.53 -11.78 13.74
C THR A 1103 14.57 -10.76 14.36
N GLN A 1104 14.97 -9.50 14.35
CA GLN A 1104 14.11 -8.40 14.70
C GLN A 1104 14.22 -7.36 13.59
N TRP A 1105 13.10 -7.04 12.95
CA TRP A 1105 13.09 -5.93 12.02
C TRP A 1105 13.32 -4.62 12.80
N SER A 1106 14.11 -3.74 12.19
CA SER A 1106 14.46 -2.42 12.70
C SER A 1106 14.41 -1.44 11.53
N ALA A 1107 14.16 -0.16 11.82
CA ALA A 1107 14.03 0.90 10.81
C ALA A 1107 15.16 0.99 9.77
N LYS A 1108 16.35 0.54 10.16
CA LYS A 1108 17.51 0.51 9.27
C LYS A 1108 17.36 -0.43 8.06
N TYR A 1109 16.41 -1.37 8.11
CA TYR A 1109 16.09 -2.29 7.02
C TYR A 1109 14.86 -1.88 6.15
N PHE A 1110 14.37 -0.64 6.32
CA PHE A 1110 13.22 -0.13 5.57
C PHE A 1110 13.58 1.12 4.77
N ASN A 1111 13.07 1.24 3.56
CA ASN A 1111 13.21 2.45 2.76
C ASN A 1111 12.48 3.65 3.40
N GLY A 1112 11.28 3.36 3.89
CA GLY A 1112 10.39 4.38 4.44
C GLY A 1112 9.12 3.77 5.02
N SER A 1113 8.05 4.56 5.04
CA SER A 1113 6.78 4.16 5.64
C SER A 1113 5.67 5.12 5.19
N ASN A 1114 4.44 4.64 5.22
CA ASN A 1114 3.28 5.54 5.16
C ASN A 1114 3.28 6.49 6.37
N ILE A 1115 2.56 7.61 6.26
CA ILE A 1115 2.44 8.54 7.41
C ILE A 1115 1.58 7.93 8.52
N GLN A 1116 2.13 7.85 9.73
CA GLN A 1116 1.49 7.12 10.82
C GLN A 1116 0.62 7.99 11.75
N GLY A 1117 0.54 9.29 11.49
CA GLY A 1117 -0.36 10.18 12.23
C GLY A 1117 -0.04 10.43 13.70
N LYS A 1118 1.19 10.12 14.10
CA LYS A 1118 1.68 10.42 15.46
C LYS A 1118 1.72 11.94 15.70
N GLY A 1119 1.98 12.70 14.64
CA GLY A 1119 2.24 14.14 14.67
C GLY A 1119 3.72 14.45 14.65
N ILE A 1120 4.10 15.55 13.99
CA ILE A 1120 5.51 15.94 13.84
C ILE A 1120 6.22 16.05 15.20
N ASN A 1121 5.59 16.79 16.12
CA ASN A 1121 6.15 17.07 17.42
C ASN A 1121 5.76 16.05 18.49
N TYR A 1122 5.40 14.84 18.07
CA TYR A 1122 5.10 13.75 19.00
C TYR A 1122 6.32 13.41 19.85
N VAL A 1123 7.50 13.43 19.24
CA VAL A 1123 8.76 13.37 19.97
C VAL A 1123 9.04 14.74 20.60
N LEU A 1124 9.24 14.76 21.92
CA LEU A 1124 9.29 15.99 22.68
C LEU A 1124 10.66 16.68 22.66
N LYS A 1125 10.60 17.99 22.82
CA LYS A 1125 11.66 18.90 22.41
C LYS A 1125 11.50 20.24 23.15
N ASP A 1126 12.61 20.81 23.61
CA ASP A 1126 12.62 22.15 24.23
C ASP A 1126 12.75 23.21 23.15
N TRP A 1127 11.82 24.17 23.11
CA TRP A 1127 11.80 25.16 22.04
C TRP A 1127 12.92 26.20 22.09
N ALA A 1128 13.43 26.49 23.27
CA ALA A 1128 14.51 27.48 23.44
C ALA A 1128 15.86 26.97 22.94
N SER A 1129 16.28 25.80 23.40
CA SER A 1129 17.52 25.17 22.92
C SER A 1129 17.33 24.50 21.56
N ASN A 1130 16.08 24.24 21.19
CA ASN A 1130 15.69 23.54 19.94
C ASN A 1130 16.25 22.11 19.83
N LYS A 1131 16.61 21.50 20.96
CA LYS A 1131 17.10 20.13 21.01
C LYS A 1131 16.03 19.20 21.57
N TYR A 1132 16.06 17.95 21.12
CA TYR A 1132 15.17 16.92 21.64
C TYR A 1132 15.59 16.50 23.05
N PHE A 1133 14.63 16.18 23.90
CA PHE A 1133 14.95 15.54 25.18
C PHE A 1133 15.43 14.12 24.93
N ASN A 1134 16.50 13.72 25.64
CA ASN A 1134 16.92 12.33 25.65
C ASN A 1134 17.44 11.94 27.02
N VAL A 1135 17.00 10.78 27.50
CA VAL A 1135 17.12 10.34 28.88
C VAL A 1135 18.15 9.19 29.01
N SER A 1136 18.44 8.50 27.91
CA SER A 1136 19.50 7.47 27.88
C SER A 1136 20.89 8.06 27.66
N SER A 1137 20.97 9.34 27.29
CA SER A 1137 22.26 9.95 26.92
C SER A 1137 22.42 11.34 27.51
N ASN A 1138 23.65 11.61 27.93
CA ASN A 1138 24.05 12.95 28.38
C ASN A 1138 24.99 13.60 27.35
N ASP A 1139 24.83 13.28 26.07
CA ASP A 1139 25.53 13.97 24.98
C ASP A 1139 24.91 15.34 24.77
N ASP A 1140 25.71 16.25 24.23
CA ASP A 1140 25.37 17.66 24.10
C ASP A 1140 24.38 17.95 22.97
N MET A 1141 24.18 16.97 22.08
CA MET A 1141 23.22 17.12 20.98
C MET A 1141 21.76 17.03 21.42
N TYR A 1142 21.52 16.41 22.59
CA TYR A 1142 20.20 16.33 23.20
C TYR A 1142 20.06 17.34 24.37
N SER A 1143 18.84 17.85 24.59
CA SER A 1143 18.58 18.69 25.78
C SER A 1143 18.38 17.83 27.01
N ARG A 1144 18.85 18.35 28.13
CA ARG A 1144 18.63 17.77 29.44
C ARG A 1144 17.14 17.93 29.81
N LEU A 1145 16.70 17.18 30.81
CA LEU A 1145 15.33 17.29 31.32
C LEU A 1145 14.97 18.73 31.69
N PRO A 1146 13.67 19.11 31.54
CA PRO A 1146 13.23 20.39 32.06
C PRO A 1146 13.65 20.55 33.51
N LYS A 1147 14.23 21.70 33.84
CA LYS A 1147 14.90 21.86 35.12
C LYS A 1147 14.01 21.65 36.34
N GLN A 1148 12.71 21.88 36.22
CA GLN A 1148 11.79 21.61 37.32
C GLN A 1148 11.76 20.14 37.68
N LEU A 1149 11.73 19.31 36.64
CA LEU A 1149 11.65 17.87 36.80
C LEU A 1149 12.88 17.26 37.45
N MET A 1150 13.99 17.99 37.44
CA MET A 1150 15.17 17.59 38.17
C MET A 1150 15.43 18.43 39.43
N ASN A 1151 14.38 19.11 39.90
CA ASN A 1151 14.36 19.93 41.13
C ASN A 1151 15.47 20.98 41.16
N GLN A 1152 15.62 21.66 40.03
CA GLN A 1152 16.53 22.80 39.90
C GLN A 1152 15.76 24.10 39.71
N GLU A 1153 16.45 25.22 39.91
CA GLU A 1153 15.89 26.53 39.64
C GLU A 1153 15.50 26.63 38.16
N SER A 1154 14.29 27.14 37.91
CA SER A 1154 13.77 27.23 36.56
C SER A 1154 12.83 28.40 36.45
N ASN A 1155 13.08 29.28 35.47
CA ASN A 1155 12.27 30.47 35.25
C ASN A 1155 11.87 30.53 33.78
N THR A 1156 10.71 31.12 33.50
CA THR A 1156 10.18 31.20 32.15
C THR A 1156 9.61 32.59 31.88
N GLY A 1157 9.72 33.02 30.63
CA GLY A 1157 9.26 34.34 30.17
C GLY A 1157 10.38 35.18 29.53
N PHE A 1158 10.03 36.43 29.24
CA PHE A 1158 10.97 37.39 28.68
C PHE A 1158 11.58 38.28 29.76
N ILE A 1159 12.89 38.49 29.73
CA ILE A 1159 13.54 39.38 30.67
C ILE A 1159 14.37 40.46 29.95
N VAL A 1160 14.00 41.71 30.22
CA VAL A 1160 14.73 42.87 29.74
C VAL A 1160 15.93 43.08 30.69
N ASP A 1161 17.02 43.51 30.10
CA ASP A 1161 18.36 43.50 30.69
C ASP A 1161 19.06 44.80 30.22
N ASP A 1162 20.09 45.25 30.95
CA ASP A 1162 20.90 46.42 30.56
C ASP A 1162 21.44 46.32 29.11
N ILE A 1163 21.65 45.09 28.63
CA ILE A 1163 22.20 44.84 27.29
C ILE A 1163 21.11 44.65 26.22
N GLY A 1164 20.05 43.91 26.55
CA GLY A 1164 19.03 43.52 25.57
C GLY A 1164 17.88 42.70 26.15
N VAL A 1165 17.31 41.78 25.39
CA VAL A 1165 16.19 40.95 25.86
C VAL A 1165 16.54 39.46 25.73
N LYS A 1166 16.31 38.68 26.78
CA LYS A 1166 16.50 37.21 26.75
C LYS A 1166 15.15 36.55 26.98
N TYR A 1167 15.01 35.32 26.50
CA TYR A 1167 13.78 34.54 26.74
C TYR A 1167 14.14 33.16 27.27
N TYR A 1168 13.37 32.70 28.26
CA TYR A 1168 13.48 31.34 28.79
C TYR A 1168 12.19 30.57 28.52
N SER A 1169 12.32 29.33 28.04
CA SER A 1169 11.17 28.47 27.78
C SER A 1169 10.53 27.95 29.07
N ILE A 1170 9.35 27.37 28.94
CA ILE A 1170 8.63 26.71 30.05
C ILE A 1170 9.49 25.66 30.80
N SER A 1171 10.45 25.06 30.09
CA SER A 1171 11.41 24.11 30.64
C SER A 1171 12.59 24.75 31.42
N GLY A 1172 12.78 26.07 31.25
CA GLY A 1172 13.78 26.83 31.98
C GLY A 1172 15.09 27.12 31.26
N TYR A 1173 15.21 26.75 29.97
CA TYR A 1173 16.43 26.99 29.18
C TYR A 1173 16.32 28.27 28.35
N GLN A 1174 17.48 28.83 28.00
CA GLN A 1174 17.56 30.12 27.30
C GLN A 1174 17.51 29.95 25.79
N ALA A 1175 16.81 30.85 25.11
CA ALA A 1175 16.74 30.84 23.66
C ALA A 1175 18.08 31.28 23.04
N LYS A 1176 18.64 30.43 22.19
CA LYS A 1176 19.86 30.70 21.42
C LYS A 1176 19.72 30.15 20.01
N ASN A 1177 19.91 31.00 19.00
CA ASN A 1177 19.85 30.62 17.57
C ASN A 1177 18.54 29.94 17.15
N THR A 1178 17.42 30.52 17.58
CA THR A 1178 16.09 30.02 17.21
C THR A 1178 15.11 31.17 17.02
N PHE A 1179 14.06 30.87 16.27
CA PHE A 1179 12.81 31.62 16.35
C PHE A 1179 12.01 31.18 17.57
N VAL A 1180 11.23 32.12 18.12
CA VAL A 1180 10.35 31.89 19.28
C VAL A 1180 9.05 32.63 19.06
N GLU A 1181 7.94 31.89 19.14
CA GLU A 1181 6.60 32.45 19.08
C GLU A 1181 6.09 32.76 20.52
N ASP A 1182 5.64 34.00 20.74
CA ASP A 1182 4.97 34.42 21.97
C ASP A 1182 3.48 34.04 21.92
N GLY A 1183 2.86 33.88 23.09
CA GLY A 1183 1.39 33.64 23.22
C GLY A 1183 0.50 34.67 22.51
N ASN A 1184 0.99 35.90 22.38
CA ASN A 1184 0.36 36.96 21.58
C ASN A 1184 0.26 36.67 20.07
N GLY A 1185 1.05 35.70 19.58
CA GLY A 1185 1.09 35.30 18.16
C GLY A 1185 2.33 35.79 17.41
N GLU A 1186 3.13 36.63 18.07
CA GLU A 1186 4.28 37.29 17.43
C GLU A 1186 5.52 36.43 17.49
N TRP A 1187 6.29 36.46 16.41
CA TRP A 1187 7.56 35.78 16.34
C TRP A 1187 8.71 36.73 16.69
N TYR A 1188 9.75 36.18 17.33
CA TYR A 1188 11.00 36.87 17.64
C TYR A 1188 12.17 35.94 17.30
N TYR A 1189 13.37 36.50 17.14
CA TYR A 1189 14.56 35.67 16.96
C TYR A 1189 15.63 36.00 17.99
N PHE A 1190 16.31 34.96 18.49
CA PHE A 1190 17.40 35.08 19.45
C PHE A 1190 18.73 34.61 18.85
N ASP A 1191 19.76 35.43 18.97
CA ASP A 1191 21.08 35.16 18.37
C ASP A 1191 21.92 34.15 19.18
N ASN A 1192 23.20 33.98 18.84
CA ASN A 1192 24.08 33.04 19.54
C ASN A 1192 24.37 33.48 20.99
N ASP A 1193 24.43 34.80 21.20
CA ASP A 1193 24.68 35.39 22.52
C ASP A 1193 23.44 35.21 23.45
N GLY A 1194 22.32 34.75 22.88
CA GLY A 1194 21.09 34.49 23.62
C GLY A 1194 20.21 35.73 23.75
N TYR A 1195 20.47 36.72 22.90
CA TYR A 1195 19.76 38.01 22.92
C TYR A 1195 18.83 38.16 21.72
N MET A 1196 17.68 38.75 21.97
CA MET A 1196 16.71 39.12 20.95
C MET A 1196 17.31 40.04 19.90
N VAL A 1197 17.01 39.76 18.64
CA VAL A 1197 17.40 40.67 17.55
C VAL A 1197 16.35 41.76 17.44
N LYS A 1198 16.79 43.02 17.46
CA LYS A 1198 15.95 44.20 17.23
C LYS A 1198 16.62 45.07 16.17
N SER A 1199 15.85 45.57 15.20
CA SER A 1199 16.42 46.49 14.20
C SER A 1199 16.71 47.83 14.86
N THR A 1200 17.71 48.52 14.29
CA THR A 1200 18.13 49.83 14.79
C THR A 1200 18.02 50.87 13.66
N GLU A 1201 18.20 52.15 14.01
CA GLU A 1201 18.16 53.25 13.04
C GLU A 1201 19.32 53.12 12.03
N GLU A 1202 20.52 52.83 12.56
CA GLU A 1202 21.73 52.64 11.75
C GLU A 1202 21.69 51.37 10.88
N SER A 1203 21.11 50.28 11.41
CA SER A 1203 20.95 48.99 10.68
C SER A 1203 19.48 48.63 10.58
N GLY A 1204 18.90 48.98 9.44
CA GLY A 1204 17.46 48.90 9.18
C GLY A 1204 16.80 47.55 9.37
N PRO A 1205 15.48 47.52 9.17
CA PRO A 1205 14.66 46.36 9.54
C PRO A 1205 14.88 45.08 8.69
N LEU A 1206 15.40 45.22 7.48
CA LEU A 1206 15.65 44.08 6.59
C LEU A 1206 17.02 43.41 6.89
N ARG A 1207 17.00 42.17 7.39
CA ARG A 1207 18.18 41.55 8.03
C ARG A 1207 18.31 40.05 7.76
N THR A 1208 19.49 39.62 7.30
CA THR A 1208 19.90 38.22 7.46
C THR A 1208 20.27 38.02 8.94
N VAL A 1209 20.13 36.78 9.42
CA VAL A 1209 20.29 36.48 10.84
C VAL A 1209 21.21 35.27 11.16
N ASN A 1210 21.11 34.21 10.35
CA ASN A 1210 21.74 32.92 10.63
C ASN A 1210 22.82 32.49 9.61
N ALA A 1211 23.39 33.45 8.88
CA ALA A 1211 24.30 33.20 7.74
C ALA A 1211 23.72 32.13 6.75
N SER A 1212 22.39 32.18 6.59
CA SER A 1212 21.60 31.24 5.79
C SER A 1212 21.18 31.85 4.44
N SER A 1213 21.64 33.08 4.15
CA SER A 1213 21.23 33.88 2.96
C SER A 1213 19.71 34.22 2.93
N LYS A 1214 19.01 33.92 4.03
CA LYS A 1214 17.59 34.20 4.18
C LYS A 1214 17.40 35.54 4.90
N LYS A 1215 16.60 36.45 4.31
CA LYS A 1215 16.40 37.82 4.82
C LYS A 1215 15.01 37.94 5.42
N TYR A 1216 14.92 38.55 6.61
CA TYR A 1216 13.68 38.71 7.37
C TYR A 1216 13.45 40.19 7.65
N TYR A 1217 12.26 40.52 8.13
CA TYR A 1217 11.96 41.90 8.55
C TYR A 1217 11.66 41.98 10.05
N ILE A 1218 12.55 42.64 10.78
CA ILE A 1218 12.47 42.73 12.22
C ILE A 1218 12.29 44.19 12.62
N LEU A 1219 11.26 44.45 13.41
CA LEU A 1219 10.99 45.78 13.96
C LEU A 1219 11.90 46.10 15.17
N PRO A 1220 11.96 47.38 15.61
CA PRO A 1220 12.65 47.69 16.89
C PRO A 1220 12.07 46.97 18.13
N ASN A 1221 10.82 46.49 18.07
CA ASN A 1221 10.25 45.59 19.11
C ASN A 1221 10.99 44.27 19.28
N GLY A 1222 11.68 43.83 18.21
CA GLY A 1222 12.15 42.45 18.05
C GLY A 1222 11.15 41.53 17.31
N VAL A 1223 9.96 42.07 17.01
CA VAL A 1223 8.92 41.36 16.26
C VAL A 1223 9.37 41.11 14.84
N GLU A 1224 9.38 39.84 14.46
CA GLU A 1224 9.64 39.38 13.12
C GLU A 1224 8.28 39.19 12.41
N ILE A 1225 8.00 40.06 11.44
CA ILE A 1225 6.69 40.09 10.80
C ILE A 1225 6.54 39.00 9.74
N ARG A 1226 5.34 38.43 9.67
CA ARG A 1226 5.03 37.34 8.73
C ARG A 1226 3.71 37.58 8.04
N ASN A 1227 3.61 37.08 6.81
CA ASN A 1227 2.46 37.34 5.94
C ASN A 1227 2.20 38.85 5.74
N SER A 1228 3.29 39.62 5.56
CA SER A 1228 3.23 41.09 5.65
C SER A 1228 4.18 41.82 4.68
N PHE A 1229 3.82 43.08 4.41
CA PHE A 1229 4.65 44.01 3.63
C PHE A 1229 5.51 44.86 4.56
N GLY A 1230 6.75 45.14 4.13
CA GLY A 1230 7.68 45.94 4.91
C GLY A 1230 8.24 47.06 4.05
N GLN A 1231 8.16 48.28 4.58
CA GLN A 1231 8.69 49.45 3.90
C GLN A 1231 10.08 49.77 4.45
N ASP A 1232 10.92 50.19 3.52
CA ASP A 1232 12.29 50.62 3.78
C ASP A 1232 12.31 52.13 4.16
N ILE A 1233 13.36 52.55 4.87
CA ILE A 1233 13.66 53.99 5.10
C ILE A 1233 13.76 54.81 3.80
N GLN A 1234 14.29 54.16 2.75
CA GLN A 1234 14.36 54.71 1.40
C GLN A 1234 13.00 54.75 0.67
N GLY A 1235 12.03 53.96 1.11
CA GLY A 1235 10.70 53.87 0.49
C GLY A 1235 10.47 52.62 -0.38
N ASN A 1236 11.47 51.75 -0.50
CA ASN A 1236 11.30 50.44 -1.19
C ASN A 1236 10.32 49.55 -0.39
N THR A 1237 9.55 48.70 -1.07
CA THR A 1237 8.61 47.76 -0.40
C THR A 1237 8.97 46.31 -0.71
N TYR A 1238 9.00 45.47 0.33
CA TYR A 1238 9.25 44.03 0.23
C TYR A 1238 8.05 43.28 0.84
N TYR A 1239 7.85 42.02 0.46
CA TYR A 1239 6.86 41.14 1.10
C TYR A 1239 7.55 39.93 1.76
N PHE A 1240 7.01 39.51 2.92
CA PHE A 1240 7.55 38.43 3.77
C PHE A 1240 6.49 37.35 3.95
N ASP A 1241 6.82 36.13 3.51
CA ASP A 1241 5.87 35.02 3.41
C ASP A 1241 5.41 34.46 4.76
N ALA A 1242 4.70 33.33 4.75
CA ALA A 1242 4.25 32.68 5.99
C ALA A 1242 5.38 32.26 6.95
N ARG A 1243 6.58 32.03 6.41
CA ARG A 1243 7.79 31.75 7.21
C ARG A 1243 8.58 33.00 7.61
N GLY A 1244 8.13 34.18 7.15
CA GLY A 1244 8.78 35.47 7.42
C GLY A 1244 9.89 35.84 6.44
N GLU A 1245 10.17 34.95 5.48
CA GLU A 1245 11.30 35.13 4.56
C GLU A 1245 10.93 36.10 3.43
N MET A 1246 11.86 36.98 3.09
CA MET A 1246 11.70 37.86 1.94
C MET A 1246 11.48 37.06 0.65
N VAL A 1247 10.51 37.51 -0.15
CA VAL A 1247 10.18 36.90 -1.43
C VAL A 1247 11.05 37.50 -2.58
N THR A 1248 11.46 36.67 -3.56
CA THR A 1248 12.33 37.14 -4.67
C THR A 1248 11.95 36.51 -6.02
N SER A 1249 12.10 37.31 -7.09
CA SER A 1249 11.68 36.95 -8.47
C SER A 1249 10.31 36.25 -8.52
N GLN A 1250 9.29 36.89 -7.95
CA GLN A 1250 7.97 36.27 -7.73
C GLN A 1250 6.74 37.19 -7.55
N TYR A 1251 5.62 36.81 -8.17
CA TYR A 1251 4.38 37.56 -8.03
C TYR A 1251 3.44 37.10 -6.89
N ILE A 1252 3.37 37.93 -5.84
CA ILE A 1252 2.44 37.82 -4.70
C ILE A 1252 1.03 38.39 -4.98
N SER A 1253 0.00 37.53 -4.84
CA SER A 1253 -1.43 37.92 -4.88
C SER A 1253 -1.95 38.32 -3.48
N ASP A 1254 -2.78 39.37 -3.45
CA ASP A 1254 -3.32 39.97 -2.20
C ASP A 1254 -4.75 39.47 -1.89
N ASP A 1255 -5.18 39.67 -0.65
CA ASP A 1255 -6.58 39.49 -0.18
C ASP A 1255 -7.64 40.11 -1.13
N THR A 1256 -7.42 41.37 -1.53
CA THR A 1256 -8.38 42.10 -2.39
C THR A 1256 -8.07 41.91 -3.91
N GLN A 1257 -7.26 40.88 -4.21
CA GLN A 1257 -6.84 40.46 -5.56
C GLN A 1257 -5.86 41.43 -6.24
N ASN A 1258 -5.16 42.22 -5.43
CA ASN A 1258 -4.07 43.08 -5.87
C ASN A 1258 -2.76 42.30 -6.00
N ILE A 1259 -2.02 42.48 -7.08
CA ILE A 1259 -0.78 41.72 -7.26
C ILE A 1259 0.49 42.59 -7.26
N TYR A 1260 1.46 42.20 -6.44
CA TYR A 1260 2.78 42.82 -6.49
C TYR A 1260 3.79 41.73 -6.85
N TYR A 1261 4.56 41.99 -7.91
CA TYR A 1261 5.62 41.07 -8.35
C TYR A 1261 6.98 41.67 -8.03
N PHE A 1262 7.61 41.11 -7.00
CA PHE A 1262 8.96 41.46 -6.55
C PHE A 1262 10.10 40.67 -7.31
N ASN A 1263 11.03 41.41 -7.98
CA ASN A 1263 12.23 40.86 -8.67
C ASN A 1263 13.25 40.15 -7.72
N ASN A 1264 14.38 39.67 -8.25
CA ASN A 1264 15.49 39.10 -7.44
C ASN A 1264 16.08 40.15 -6.45
N ASP A 1265 16.24 39.74 -5.17
CA ASP A 1265 16.87 40.56 -4.08
C ASP A 1265 16.15 41.89 -3.69
N GLY A 1266 15.07 42.23 -4.40
CA GLY A 1266 14.32 43.50 -4.24
C GLY A 1266 13.44 43.92 -5.42
C1 GLC B . -1.66 2.71 -14.66
C2 GLC B . -2.42 3.43 -15.75
C3 GLC B . -3.84 3.57 -15.16
C4 GLC B . -4.40 2.21 -14.70
C5 GLC B . -3.40 1.31 -13.96
C6 GLC B . -3.89 -0.15 -14.05
O1 GLC B . -1.40 3.56 -13.59
O2 GLC B . -1.82 4.67 -16.06
O3 GLC B . -4.71 4.14 -16.13
O4 GLC B . -5.55 2.36 -13.88
O5 GLC B . -2.12 1.37 -14.58
O6 GLC B . -3.86 -0.83 -12.80
C1 GLC B . -3.45 -2.22 -12.97
C2 GLC B . -4.63 -3.11 -13.33
C3 GLC B . -5.74 -2.87 -12.33
C4 GLC B . -5.21 -3.18 -10.95
C5 GLC B . -3.83 -2.54 -10.68
C6 GLC B . -3.28 -3.13 -9.39
O2 GLC B . -5.10 -3.02 -14.67
O3 GLC B . -6.82 -3.71 -12.60
O4 GLC B . -6.15 -2.70 -10.02
O5 GLC B . -2.94 -2.74 -11.77
O6 GLC B . -1.91 -2.87 -9.26
C1 GLC B . -1.57 -2.29 -7.99
C2 GLC B . -0.38 -1.37 -8.21
C3 GLC B . 0.76 -2.21 -8.82
C4 GLC B . 1.07 -3.36 -7.85
C5 GLC B . -0.22 -4.16 -7.56
C6 GLC B . 0.04 -5.33 -6.59
O2 GLC B . -0.75 -0.29 -9.04
O3 GLC B . 1.89 -1.41 -9.09
O4 GLC B . 2.10 -4.21 -8.35
O5 GLC B . -1.23 -3.29 -7.04
O6 GLC B . -1.19 -5.82 -6.05
C1 GLC B . -1.01 -7.01 -5.27
C2 GLC B . -2.38 -7.43 -4.74
C3 GLC B . -2.88 -6.44 -3.68
C4 GLC B . -1.82 -6.30 -2.58
C5 GLC B . -0.51 -5.87 -3.22
C6 GLC B . 0.53 -5.62 -2.12
O2 GLC B . -3.30 -7.55 -5.83
O3 GLC B . -4.12 -6.83 -3.12
O4 GLC B . -2.17 -5.39 -1.55
O5 GLC B . -0.11 -6.85 -4.18
O6 GLC B . 1.27 -6.78 -1.83
CA CA C . 9.17 -1.65 -1.88
#